data_5DN2
#
_entry.id   5DN2
#
_cell.length_a   110.250
_cell.length_b   139.520
_cell.length_c   106.040
_cell.angle_alpha   90.00
_cell.angle_beta   90.00
_cell.angle_gamma   90.00
#
_symmetry.space_group_name_H-M   'C 2 2 21'
#
loop_
_entity.id
_entity.type
_entity.pdbx_description
1 polymer Neuropilin-2
2 polymer 'Vascular endothelial growth factor A'
3 non-polymer '1,4-DIETHYLENE DIOXIDE'
4 non-polymer GLYCEROL
5 water water
#
loop_
_entity_poly.entity_id
_entity_poly.type
_entity_poly.pdbx_seq_one_letter_code
_entity_poly.pdbx_strand_id
1 'polypeptide(L)'
;MFQCNVPLGMESGRIANEQISASSTYSDGRWTPQQSRLHGDDNGWTPNLDSNKEYLQVDLRFLTMLTAIATQGAISRETQ
NGYYVKSYKLEVSTNGEDWMVYRHGKNHKVFQANNDATEVVLNKLHAPLLTRFVRIRPQTWHSGIALRLELFGCRV
;
A,B,C,D
2 'polypeptide(L)' SCKNTDSRCKARQLELNERTCRCDKPRR F,G,E
#
loop_
_chem_comp.id
_chem_comp.type
_chem_comp.name
_chem_comp.formula
DIO non-polymer '1,4-DIETHYLENE DIOXIDE' 'C4 H8 O2'
GOL non-polymer GLYCEROL 'C3 H8 O3'
#
# COMPACT_ATOMS: atom_id res chain seq x y z
N MET A 1 13.12 -1.22 38.94
CA MET A 1 13.70 -1.59 37.61
C MET A 1 12.58 -1.91 36.63
N PHE A 2 12.75 -1.52 35.37
CA PHE A 2 11.73 -1.80 34.36
C PHE A 2 11.76 -3.27 33.89
N GLN A 3 10.58 -3.87 33.80
CA GLN A 3 10.41 -5.20 33.25
C GLN A 3 9.47 -5.15 32.06
N CYS A 4 9.80 -5.90 31.03
CA CYS A 4 9.09 -5.86 29.77
C CYS A 4 7.91 -6.81 29.81
N ASN A 5 6.92 -6.46 30.62
CA ASN A 5 5.73 -7.28 30.74
C ASN A 5 4.51 -6.42 31.02
N VAL A 6 4.51 -5.18 30.52
CA VAL A 6 3.41 -4.29 30.84
C VAL A 6 2.27 -4.40 29.79
N PRO A 7 1.01 -4.10 30.20
CA PRO A 7 -0.10 -4.15 29.25
C PRO A 7 0.13 -3.16 28.12
N LEU A 8 -0.12 -3.54 26.89
CA LEU A 8 0.22 -2.67 25.76
C LEU A 8 -0.94 -1.80 25.29
N GLY A 9 -2.11 -1.94 25.89
CA GLY A 9 -3.19 -0.98 25.62
C GLY A 9 -4.57 -1.44 25.24
N MET A 10 -4.88 -2.73 25.29
CA MET A 10 -6.26 -3.16 25.00
C MET A 10 -7.22 -2.63 26.09
N GLU A 11 -6.95 -2.92 27.35
CA GLU A 11 -7.77 -2.42 28.43
C GLU A 11 -7.72 -0.90 28.57
N SER A 12 -6.54 -0.32 28.36
CA SER A 12 -6.36 1.10 28.66
C SER A 12 -6.94 2.01 27.58
N GLY A 13 -7.11 1.49 26.36
CA GLY A 13 -7.46 2.34 25.20
C GLY A 13 -6.27 2.93 24.46
N ARG A 14 -5.05 2.69 24.93
CA ARG A 14 -3.87 3.13 24.20
C ARG A 14 -3.79 2.48 22.82
N ILE A 15 -4.26 1.25 22.69
CA ILE A 15 -4.49 0.66 21.37
C ILE A 15 -5.88 1.16 20.92
N ALA A 16 -5.91 2.05 19.94
CA ALA A 16 -7.15 2.69 19.52
C ALA A 16 -8.03 1.69 18.75
N ASN A 17 -9.34 1.93 18.71
CA ASN A 17 -10.28 1.09 17.96
C ASN A 17 -9.83 0.76 16.53
N GLU A 18 -9.28 1.77 15.88
CA GLU A 18 -8.85 1.66 14.49
C GLU A 18 -7.67 0.68 14.32
N GLN A 19 -6.91 0.45 15.39
CA GLN A 19 -5.81 -0.52 15.37
C GLN A 19 -6.28 -1.98 15.48
N ILE A 20 -7.56 -2.20 15.78
CA ILE A 20 -8.12 -3.52 16.01
C ILE A 20 -9.02 -3.94 14.85
N SER A 21 -8.74 -5.09 14.24
CA SER A 21 -9.55 -5.57 13.12
C SER A 21 -9.71 -7.08 13.24
N ALA A 22 -10.51 -7.67 12.35
CA ALA A 22 -10.68 -9.12 12.32
C ALA A 22 -10.92 -9.64 10.90
N SER A 23 -10.73 -10.94 10.74
CA SER A 23 -11.07 -11.61 9.49
C SER A 23 -12.54 -11.40 9.17
N SER A 24 -13.39 -11.48 10.19
CA SER A 24 -14.83 -11.29 10.05
C SER A 24 -15.45 -10.98 11.40
N THR A 25 -16.69 -10.51 11.39
CA THR A 25 -17.42 -10.33 12.64
C THR A 25 -18.88 -10.75 12.49
N TYR A 26 -19.47 -11.24 13.58
CA TYR A 26 -20.83 -11.78 13.55
C TYR A 26 -21.84 -10.75 12.99
N SER A 27 -22.72 -11.21 12.10
CA SER A 27 -23.51 -10.33 11.20
C SER A 27 -24.49 -9.33 11.87
N ASP A 28 -24.92 -9.60 13.12
CA ASP A 28 -25.79 -8.65 13.85
C ASP A 28 -25.04 -7.43 14.40
N GLY A 29 -23.71 -7.42 14.32
CA GLY A 29 -22.93 -6.27 14.79
C GLY A 29 -22.94 -6.10 16.32
N ARG A 30 -23.17 -7.22 17.03
CA ARG A 30 -23.14 -7.23 18.50
C ARG A 30 -21.86 -7.84 19.12
N TRP A 31 -20.94 -8.28 18.26
CA TRP A 31 -19.69 -8.95 18.70
C TRP A 31 -18.52 -8.43 17.85
N THR A 32 -18.35 -7.11 17.81
CA THR A 32 -17.37 -6.48 16.92
C THR A 32 -15.92 -6.66 17.43
N PRO A 33 -14.90 -6.47 16.55
CA PRO A 33 -13.48 -6.52 17.00
C PRO A 33 -13.15 -5.57 18.16
N GLN A 34 -13.82 -4.40 18.20
CA GLN A 34 -13.59 -3.38 19.21
C GLN A 34 -14.18 -3.77 20.56
N GLN A 35 -14.95 -4.86 20.61
CA GLN A 35 -15.40 -5.45 21.86
C GLN A 35 -14.44 -6.50 22.43
N SER A 36 -13.25 -6.64 21.86
CA SER A 36 -12.27 -7.62 22.28
C SER A 36 -11.29 -7.12 23.35
N ARG A 37 -11.52 -5.95 23.96
CA ARG A 37 -10.62 -5.47 25.02
C ARG A 37 -10.82 -6.28 26.29
N LEU A 38 -9.71 -6.65 26.94
CA LEU A 38 -9.76 -7.35 28.24
C LEU A 38 -10.68 -6.62 29.24
N HIS A 39 -11.47 -7.40 29.96
CA HIS A 39 -12.52 -6.92 30.87
C HIS A 39 -13.61 -6.09 30.23
N GLY A 40 -13.74 -6.15 28.91
CA GLY A 40 -14.85 -5.49 28.25
C GLY A 40 -16.18 -6.05 28.77
N ASP A 41 -17.16 -5.17 28.91
CA ASP A 41 -18.39 -5.51 29.60
C ASP A 41 -19.55 -5.92 28.68
N ASP A 42 -19.43 -5.61 27.38
CA ASP A 42 -20.47 -5.89 26.40
C ASP A 42 -19.98 -6.93 25.40
N ASN A 43 -20.34 -8.19 25.66
CA ASN A 43 -19.98 -9.32 24.81
C ASN A 43 -18.45 -9.35 24.58
N GLY A 44 -18.01 -9.50 23.34
CA GLY A 44 -16.57 -9.70 23.01
C GLY A 44 -16.49 -9.79 21.48
N TRP A 45 -15.33 -10.18 20.93
CA TRP A 45 -15.26 -10.41 19.48
C TRP A 45 -15.69 -11.82 19.12
N THR A 46 -16.56 -11.94 18.11
CA THR A 46 -16.93 -13.22 17.53
C THR A 46 -16.93 -13.09 16.01
N PRO A 47 -16.32 -14.07 15.32
CA PRO A 47 -16.31 -14.03 13.86
C PRO A 47 -17.70 -14.35 13.28
N ASN A 48 -17.85 -14.18 11.97
CA ASN A 48 -19.13 -14.55 11.33
C ASN A 48 -19.38 -16.05 11.25
N LEU A 49 -18.33 -16.86 11.20
CA LEU A 49 -18.45 -18.32 11.29
C LEU A 49 -17.46 -18.81 12.33
N ASP A 50 -17.81 -19.84 13.07
CA ASP A 50 -16.83 -20.47 13.96
C ASP A 50 -15.99 -21.44 13.15
N SER A 51 -14.76 -21.03 12.86
CA SER A 51 -13.79 -21.91 12.20
C SER A 51 -12.39 -21.50 12.60
N ASN A 52 -11.42 -22.36 12.31
CA ASN A 52 -10.02 -22.12 12.67
C ASN A 52 -9.24 -21.24 11.68
N LYS A 53 -9.96 -20.67 10.71
CA LYS A 53 -9.35 -19.75 9.76
CA LYS A 53 -9.41 -19.75 9.73
C LYS A 53 -9.69 -18.30 10.14
N GLU A 54 -10.45 -18.10 11.20
CA GLU A 54 -10.79 -16.76 11.65
C GLU A 54 -9.69 -16.22 12.60
N TYR A 55 -9.56 -14.89 12.67
CA TYR A 55 -8.55 -14.26 13.56
C TYR A 55 -8.98 -12.86 13.97
N LEU A 56 -8.43 -12.44 15.09
CA LEU A 56 -8.49 -11.08 15.61
C LEU A 56 -7.08 -10.52 15.48
N GLN A 57 -6.98 -9.32 14.93
CA GLN A 57 -5.72 -8.71 14.56
C GLN A 57 -5.57 -7.38 15.31
N VAL A 58 -4.35 -7.16 15.80
CA VAL A 58 -3.96 -5.90 16.43
C VAL A 58 -2.73 -5.41 15.73
N ASP A 59 -2.81 -4.16 15.28
CA ASP A 59 -1.67 -3.43 14.75
C ASP A 59 -1.13 -2.53 15.86
N LEU A 60 0.08 -2.82 16.35
CA LEU A 60 0.68 -2.02 17.44
C LEU A 60 1.33 -0.73 16.91
N ARG A 61 1.33 -0.56 15.58
CA ARG A 61 1.79 0.67 14.90
C ARG A 61 3.31 0.83 14.86
N PHE A 62 4.04 0.29 15.84
CA PHE A 62 5.50 0.35 15.90
C PHE A 62 6.02 -1.02 16.31
N LEU A 63 7.29 -1.31 15.97
CA LEU A 63 7.95 -2.53 16.43
C LEU A 63 7.95 -2.53 17.95
N THR A 64 7.48 -3.62 18.52
CA THR A 64 7.20 -3.72 19.95
C THR A 64 7.63 -5.08 20.42
N MET A 65 8.20 -5.17 21.62
CA MET A 65 8.56 -6.46 22.15
C MET A 65 7.34 -7.07 22.80
N LEU A 66 6.96 -8.25 22.33
CA LEU A 66 5.78 -8.95 22.83
C LEU A 66 6.24 -10.08 23.72
N THR A 67 5.75 -10.14 24.95
CA THR A 67 6.18 -11.18 25.88
C THR A 67 5.07 -12.07 26.38
N ALA A 68 3.82 -11.61 26.36
CA ALA A 68 2.71 -12.42 26.80
C ALA A 68 1.37 -11.98 26.19
N ILE A 69 0.42 -12.93 26.23
CA ILE A 69 -0.94 -12.74 25.75
C ILE A 69 -1.90 -13.26 26.82
N ALA A 70 -2.90 -12.47 27.17
CA ALA A 70 -3.99 -12.89 28.03
C ALA A 70 -5.30 -12.89 27.28
N THR A 71 -6.15 -13.89 27.55
CA THR A 71 -7.43 -13.98 26.91
C THR A 71 -8.57 -14.31 27.88
N GLN A 72 -9.74 -13.86 27.49
CA GLN A 72 -11.00 -14.30 28.04
C GLN A 72 -11.95 -14.68 26.93
N GLY A 73 -12.93 -15.50 27.32
CA GLY A 73 -14.17 -15.60 26.58
C GLY A 73 -15.11 -14.44 26.88
N ALA A 74 -16.40 -14.69 26.69
CA ALA A 74 -17.43 -13.69 26.98
C ALA A 74 -18.77 -14.37 27.20
N ILE A 75 -19.56 -13.78 28.09
CA ILE A 75 -20.96 -14.10 28.30
C ILE A 75 -21.80 -13.14 27.47
N SER A 76 -22.71 -13.69 26.67
CA SER A 76 -23.68 -12.90 25.94
C SER A 76 -24.57 -12.13 26.93
N ARG A 77 -24.62 -10.82 26.76
CA ARG A 77 -25.49 -10.01 27.63
C ARG A 77 -26.98 -10.17 27.25
N GLU A 78 -27.25 -10.71 26.05
CA GLU A 78 -28.62 -11.02 25.59
C GLU A 78 -29.12 -12.38 26.11
N THR A 79 -28.27 -13.42 26.07
CA THR A 79 -28.69 -14.80 26.40
C THR A 79 -28.15 -15.38 27.70
N GLN A 80 -27.13 -14.74 28.29
CA GLN A 80 -26.36 -15.32 29.40
C GLN A 80 -25.53 -16.57 29.01
N ASN A 81 -25.49 -16.95 27.75
CA ASN A 81 -24.66 -18.09 27.32
C ASN A 81 -23.21 -17.65 27.23
N GLY A 82 -22.31 -18.55 27.62
CA GLY A 82 -20.87 -18.29 27.64
C GLY A 82 -20.19 -18.94 26.46
N TYR A 83 -19.21 -18.23 25.91
CA TYR A 83 -18.45 -18.66 24.75
C TYR A 83 -16.98 -18.41 25.08
N TYR A 84 -16.09 -19.32 24.68
CA TYR A 84 -14.67 -19.12 24.92
C TYR A 84 -13.77 -19.96 24.02
N VAL A 85 -12.60 -19.41 23.72
CA VAL A 85 -11.61 -20.07 22.90
C VAL A 85 -10.81 -20.91 23.87
N LYS A 86 -10.64 -22.20 23.55
CA LYS A 86 -9.88 -23.14 24.38
C LYS A 86 -8.40 -23.26 23.98
N SER A 87 -8.08 -22.99 22.72
CA SER A 87 -6.70 -22.98 22.28
C SER A 87 -6.59 -22.08 21.04
N TYR A 88 -5.41 -21.52 20.79
CA TYR A 88 -5.20 -20.66 19.64
C TYR A 88 -3.75 -20.74 19.15
N LYS A 89 -3.55 -20.28 17.91
CA LYS A 89 -2.22 -20.04 17.36
C LYS A 89 -2.03 -18.52 17.23
N LEU A 90 -0.78 -18.10 17.23
CA LEU A 90 -0.40 -16.73 17.10
C LEU A 90 0.27 -16.58 15.74
N GLU A 91 -0.10 -15.53 15.01
CA GLU A 91 0.59 -15.11 13.78
CA GLU A 91 0.64 -15.10 13.81
C GLU A 91 1.10 -13.67 13.98
N VAL A 92 2.30 -13.40 13.51
CA VAL A 92 3.00 -12.14 13.72
C VAL A 92 3.61 -11.62 12.41
N SER A 93 3.84 -10.32 12.37
CA SER A 93 4.41 -9.67 11.19
C SER A 93 5.01 -8.35 11.60
N THR A 94 6.09 -7.94 10.95
CA THR A 94 6.64 -6.61 11.11
C THR A 94 6.04 -5.60 10.15
N ASN A 95 5.53 -6.06 9.00
CA ASN A 95 5.03 -5.16 7.94
C ASN A 95 3.56 -5.32 7.54
N GLY A 96 2.85 -6.31 8.07
CA GLY A 96 1.44 -6.51 7.72
C GLY A 96 1.22 -7.34 6.45
N GLU A 97 2.31 -7.83 5.87
CA GLU A 97 2.29 -8.59 4.62
C GLU A 97 2.97 -9.95 4.73
N ASP A 98 4.18 -10.02 5.33
CA ASP A 98 4.86 -11.27 5.55
C ASP A 98 4.43 -11.75 6.92
N TRP A 99 3.61 -12.80 6.95
CA TRP A 99 3.09 -13.34 8.23
C TRP A 99 3.78 -14.67 8.56
N MET A 100 4.06 -14.88 9.83
CA MET A 100 4.61 -16.14 10.28
CA MET A 100 4.73 -16.09 10.39
C MET A 100 3.85 -16.62 11.51
N VAL A 101 3.49 -17.90 11.46
CA VAL A 101 2.81 -18.56 12.57
C VAL A 101 3.89 -18.86 13.61
N TYR A 102 3.60 -18.51 14.87
CA TYR A 102 4.57 -18.64 15.95
C TYR A 102 4.83 -20.11 16.26
N ARG A 103 6.10 -20.49 16.28
CA ARG A 103 6.52 -21.87 16.50
C ARG A 103 7.24 -21.99 17.84
N HIS A 104 7.17 -23.18 18.44
CA HIS A 104 8.07 -23.58 19.54
C HIS A 104 8.67 -24.92 19.13
N GLY A 105 9.97 -24.93 18.81
CA GLY A 105 10.58 -26.09 18.17
C GLY A 105 10.22 -26.09 16.69
N LYS A 106 10.06 -27.26 16.08
CA LYS A 106 9.80 -27.36 14.65
C LYS A 106 8.36 -26.98 14.34
N ASN A 107 7.44 -27.17 15.30
CA ASN A 107 6.00 -27.03 15.07
C ASN A 107 5.37 -25.75 15.60
N HIS A 108 4.19 -25.42 15.06
CA HIS A 108 3.39 -24.29 15.52
C HIS A 108 3.18 -24.44 17.03
N LYS A 109 3.22 -23.34 17.76
CA LYS A 109 2.86 -23.34 19.20
C LYS A 109 1.34 -23.27 19.29
N VAL A 110 0.75 -24.20 20.01
CA VAL A 110 -0.66 -24.16 20.26
C VAL A 110 -0.80 -23.70 21.70
N PHE A 111 -1.35 -22.50 21.90
CA PHE A 111 -1.51 -21.93 23.24
C PHE A 111 -2.79 -22.48 23.84
N GLN A 112 -2.70 -23.05 25.03
CA GLN A 112 -3.89 -23.41 25.80
C GLN A 112 -4.50 -22.13 26.42
N ALA A 113 -5.79 -21.93 26.24
CA ALA A 113 -6.42 -20.69 26.58
C ALA A 113 -7.49 -20.92 27.67
N ASN A 114 -8.74 -20.56 27.42
CA ASN A 114 -9.73 -20.44 28.48
C ASN A 114 -10.48 -21.74 28.74
N ASN A 115 -10.94 -21.89 29.99
CA ASN A 115 -11.81 -22.99 30.35
C ASN A 115 -13.13 -22.54 30.97
N ASP A 116 -13.44 -21.23 30.82
CA ASP A 116 -14.73 -20.64 31.13
C ASP A 116 -14.84 -19.31 30.38
N ALA A 117 -15.94 -18.60 30.54
CA ALA A 117 -16.18 -17.37 29.78
C ALA A 117 -15.72 -16.10 30.49
N THR A 118 -15.26 -16.19 31.74
CA THR A 118 -15.02 -15.01 32.58
C THR A 118 -13.58 -14.77 33.01
N GLU A 119 -12.81 -15.83 33.23
CA GLU A 119 -11.47 -15.68 33.82
C GLU A 119 -10.39 -15.41 32.77
N VAL A 120 -9.32 -14.74 33.22
CA VAL A 120 -8.20 -14.37 32.39
C VAL A 120 -7.19 -15.51 32.43
N VAL A 121 -6.74 -15.98 31.25
CA VAL A 121 -5.62 -16.91 31.18
C VAL A 121 -4.48 -16.22 30.45
N LEU A 122 -3.31 -16.20 31.11
CA LEU A 122 -2.10 -15.56 30.59
C LEU A 122 -1.15 -16.62 30.05
N ASN A 123 -0.62 -16.42 28.85
CA ASN A 123 0.43 -17.27 28.29
C ASN A 123 1.65 -16.45 27.93
N LYS A 124 2.82 -16.83 28.44
CA LYS A 124 4.06 -16.16 28.08
C LYS A 124 4.67 -16.76 26.84
N LEU A 125 5.18 -15.93 25.97
CA LEU A 125 5.98 -16.42 24.85
C LEU A 125 7.26 -17.00 25.41
N HIS A 126 7.71 -18.11 24.80
CA HIS A 126 8.97 -18.78 25.21
C HIS A 126 10.22 -17.90 25.01
N ALA A 127 10.19 -16.97 24.06
CA ALA A 127 11.13 -15.83 24.11
C ALA A 127 10.41 -14.57 23.66
N PRO A 128 10.85 -13.40 24.14
CA PRO A 128 10.23 -12.19 23.63
C PRO A 128 10.47 -12.01 22.13
N LEU A 129 9.47 -11.47 21.44
CA LEU A 129 9.48 -11.38 19.99
C LEU A 129 9.25 -9.94 19.59
N LEU A 130 10.05 -9.44 18.64
CA LEU A 130 9.87 -8.09 18.14
C LEU A 130 8.89 -8.12 16.96
N THR A 131 7.73 -7.50 17.13
CA THR A 131 6.68 -7.57 16.11
C THR A 131 5.91 -6.26 16.07
N ARG A 132 5.18 -6.03 14.98
CA ARG A 132 4.25 -4.92 14.87
C ARG A 132 2.80 -5.36 14.94
N PHE A 133 2.47 -6.42 14.21
CA PHE A 133 1.14 -6.92 14.11
C PHE A 133 1.02 -8.25 14.83
N VAL A 134 -0.16 -8.49 15.39
CA VAL A 134 -0.46 -9.71 16.11
C VAL A 134 -1.79 -10.22 15.61
N ARG A 135 -1.87 -11.52 15.33
CA ARG A 135 -3.14 -12.21 15.09
C ARG A 135 -3.33 -13.36 16.04
N ILE A 136 -4.50 -13.41 16.70
CA ILE A 136 -4.94 -14.55 17.48
C ILE A 136 -5.88 -15.41 16.63
N ARG A 137 -5.49 -16.67 16.44
CA ARG A 137 -6.21 -17.60 15.56
CA ARG A 137 -6.21 -17.60 15.56
C ARG A 137 -6.77 -18.77 16.37
N PRO A 138 -8.05 -18.67 16.80
CA PRO A 138 -8.66 -19.77 17.54
C PRO A 138 -8.62 -21.08 16.77
N GLN A 139 -8.29 -22.16 17.50
CA GLN A 139 -8.25 -23.51 16.96
C GLN A 139 -9.38 -24.37 17.50
N THR A 140 -9.67 -24.26 18.80
CA THR A 140 -10.79 -24.94 19.46
C THR A 140 -11.52 -23.97 20.38
N TRP A 141 -12.80 -24.27 20.65
CA TRP A 141 -13.66 -23.38 21.41
C TRP A 141 -14.82 -24.15 22.05
N HIS A 142 -15.45 -23.53 23.04
CA HIS A 142 -16.64 -24.09 23.70
C HIS A 142 -17.84 -23.29 23.24
N SER A 143 -18.80 -23.98 22.64
CA SER A 143 -20.03 -23.39 22.15
C SER A 143 -19.84 -22.46 20.95
N GLY A 144 -18.84 -21.58 21.00
CA GLY A 144 -18.46 -20.80 19.81
C GLY A 144 -17.28 -19.91 20.14
N ILE A 145 -16.76 -19.21 19.15
CA ILE A 145 -15.63 -18.32 19.36
C ILE A 145 -16.10 -17.01 19.97
N ALA A 146 -15.52 -16.65 21.12
CA ALA A 146 -15.59 -15.31 21.65
C ALA A 146 -14.26 -14.98 22.32
N LEU A 147 -13.76 -13.77 22.10
CA LEU A 147 -12.45 -13.35 22.65
C LEU A 147 -12.48 -11.97 23.24
N ARG A 148 -11.82 -11.83 24.39
CA ARG A 148 -11.31 -10.56 24.84
C ARG A 148 -9.83 -10.79 25.15
N LEU A 149 -9.05 -9.73 25.04
CA LEU A 149 -7.61 -9.85 24.86
C LEU A 149 -6.83 -8.71 25.51
N GLU A 150 -5.66 -9.05 26.05
CA GLU A 150 -4.61 -8.06 26.33
C GLU A 150 -3.28 -8.61 25.84
N LEU A 151 -2.41 -7.69 25.44
CA LEU A 151 -1.08 -7.98 25.02
C LEU A 151 -0.10 -7.32 25.97
N PHE A 152 1.02 -7.99 26.22
CA PHE A 152 1.99 -7.56 27.21
C PHE A 152 3.38 -7.54 26.59
N GLY A 153 4.15 -6.52 26.97
CA GLY A 153 5.51 -6.40 26.55
C GLY A 153 6.03 -5.02 26.84
N CYS A 154 6.63 -4.41 25.84
CA CYS A 154 7.20 -3.08 26.02
C CYS A 154 7.58 -2.49 24.69
N ARG A 155 7.50 -1.16 24.63
CA ARG A 155 7.80 -0.44 23.43
C ARG A 155 9.29 -0.19 23.43
N VAL A 156 9.92 -0.62 22.35
CA VAL A 156 11.36 -0.63 22.23
C VAL A 156 11.82 0.65 21.50
N MET B 1 5.22 -34.23 -26.63
CA MET B 1 5.93 -34.22 -25.32
C MET B 1 5.16 -33.33 -24.36
N PHE B 2 5.02 -33.76 -23.12
CA PHE B 2 4.26 -32.99 -22.13
C PHE B 2 5.04 -31.77 -21.65
N GLN B 3 4.36 -30.63 -21.58
CA GLN B 3 4.90 -29.39 -21.03
C GLN B 3 4.07 -28.94 -19.84
N CYS B 4 4.71 -28.45 -18.80
CA CYS B 4 4.02 -28.11 -17.55
C CYS B 4 3.47 -26.68 -17.64
N ASN B 5 2.47 -26.49 -18.48
CA ASN B 5 1.87 -25.19 -18.64
C ASN B 5 0.40 -25.29 -18.98
N VAL B 6 -0.26 -26.34 -18.49
CA VAL B 6 -1.62 -26.58 -18.89
C VAL B 6 -2.58 -25.89 -17.90
N PRO B 7 -3.77 -25.50 -18.37
CA PRO B 7 -4.75 -24.89 -17.46
C PRO B 7 -5.13 -25.86 -16.35
N LEU B 8 -5.17 -25.38 -15.11
CA LEU B 8 -5.39 -26.25 -13.95
C LEU B 8 -6.85 -26.38 -13.53
N GLY B 9 -7.75 -25.65 -14.16
CA GLY B 9 -9.17 -25.92 -14.02
C GLY B 9 -10.16 -24.82 -13.68
N MET B 10 -9.77 -23.56 -13.72
CA MET B 10 -10.74 -22.49 -13.47
C MET B 10 -11.78 -22.43 -14.60
N GLU B 11 -11.33 -22.36 -15.85
CA GLU B 11 -12.27 -22.32 -16.97
C GLU B 11 -13.01 -23.65 -17.15
N SER B 12 -12.30 -24.76 -16.94
CA SER B 12 -12.89 -26.08 -17.20
C SER B 12 -13.91 -26.50 -16.11
N GLY B 13 -13.77 -26.00 -14.89
CA GLY B 13 -14.55 -26.52 -13.76
C GLY B 13 -13.89 -27.66 -13.03
N ARG B 14 -12.70 -28.11 -13.46
CA ARG B 14 -11.96 -29.09 -12.68
C ARG B 14 -11.62 -28.58 -11.27
N ILE B 15 -11.34 -27.29 -11.15
CA ILE B 15 -11.27 -26.65 -9.84
C ILE B 15 -12.72 -26.31 -9.48
N ALA B 16 -13.27 -27.05 -8.51
CA ALA B 16 -14.68 -26.89 -8.12
C ALA B 16 -14.94 -25.59 -7.37
N ASN B 17 -16.20 -25.13 -7.39
CA ASN B 17 -16.65 -23.95 -6.63
C ASN B 17 -16.17 -23.93 -5.17
N GLU B 18 -16.23 -25.09 -4.54
CA GLU B 18 -15.87 -25.20 -3.13
C GLU B 18 -14.35 -24.94 -2.89
N GLN B 19 -13.53 -25.14 -3.92
CA GLN B 19 -12.07 -24.84 -3.85
C GLN B 19 -11.69 -23.36 -3.99
N ILE B 20 -12.67 -22.52 -4.35
CA ILE B 20 -12.47 -21.10 -4.57
C ILE B 20 -13.11 -20.30 -3.42
N SER B 21 -12.34 -19.39 -2.83
CA SER B 21 -12.83 -18.55 -1.73
C SER B 21 -12.16 -17.20 -1.81
N ALA B 22 -12.53 -16.28 -0.91
CA ALA B 22 -11.93 -14.96 -0.90
C ALA B 22 -11.98 -14.38 0.49
N SER B 23 -11.14 -13.39 0.72
CA SER B 23 -11.17 -12.64 1.96
C SER B 23 -12.54 -12.03 2.23
N SER B 24 -13.18 -11.51 1.17
CA SER B 24 -14.53 -10.99 1.27
C SER B 24 -15.15 -10.98 -0.11
N THR B 25 -16.43 -10.59 -0.17
CA THR B 25 -17.11 -10.41 -1.47
C THR B 25 -18.11 -9.25 -1.42
N TYR B 26 -18.35 -8.61 -2.56
CA TYR B 26 -19.26 -7.45 -2.60
C TYR B 26 -20.66 -7.83 -2.06
N SER B 27 -21.24 -6.92 -1.27
CA SER B 27 -22.38 -7.26 -0.40
C SER B 27 -23.67 -7.64 -1.16
N ASP B 28 -23.79 -7.24 -2.42
CA ASP B 28 -24.94 -7.62 -3.24
C ASP B 28 -24.94 -9.08 -3.76
N GLY B 29 -23.87 -9.84 -3.53
CA GLY B 29 -23.81 -11.22 -3.96
C GLY B 29 -23.69 -11.42 -5.47
N ARG B 30 -23.28 -10.39 -6.19
CA ARG B 30 -23.24 -10.43 -7.65
C ARG B 30 -21.80 -10.53 -8.16
N TRP B 31 -20.84 -10.60 -7.25
CA TRP B 31 -19.42 -10.65 -7.59
C TRP B 31 -18.74 -11.69 -6.69
N THR B 32 -19.29 -12.90 -6.68
CA THR B 32 -18.82 -13.95 -5.77
C THR B 32 -17.44 -14.51 -6.21
N PRO B 33 -16.71 -15.19 -5.30
CA PRO B 33 -15.45 -15.85 -5.71
C PRO B 33 -15.63 -16.86 -6.86
N GLN B 34 -16.80 -17.50 -6.93
CA GLN B 34 -17.10 -18.50 -7.95
C GLN B 34 -17.32 -17.88 -9.34
N GLN B 35 -17.40 -16.54 -9.41
CA GLN B 35 -17.44 -15.81 -10.67
C GLN B 35 -16.07 -15.40 -11.18
N SER B 36 -15.00 -15.91 -10.57
CA SER B 36 -13.65 -15.54 -10.97
C SER B 36 -13.02 -16.48 -12.00
N ARG B 37 -13.79 -17.37 -12.63
CA ARG B 37 -13.24 -18.26 -13.64
C ARG B 37 -12.98 -17.50 -14.95
N LEU B 38 -11.78 -17.71 -15.54
CA LEU B 38 -11.38 -17.11 -16.80
C LEU B 38 -12.49 -17.26 -17.85
N HIS B 39 -12.75 -16.19 -18.59
CA HIS B 39 -13.85 -16.11 -19.56
C HIS B 39 -15.27 -16.26 -18.99
N GLY B 40 -15.44 -16.17 -17.67
CA GLY B 40 -16.77 -16.18 -17.09
C GLY B 40 -17.53 -14.98 -17.64
N ASP B 41 -18.82 -15.16 -17.84
CA ASP B 41 -19.61 -14.18 -18.58
C ASP B 41 -20.44 -13.25 -17.69
N ASP B 42 -20.59 -13.61 -16.41
CA ASP B 42 -21.34 -12.82 -15.45
C ASP B 42 -20.40 -12.20 -14.39
N ASN B 43 -20.05 -10.94 -14.62
CA ASN B 43 -19.21 -10.15 -13.73
C ASN B 43 -17.89 -10.90 -13.45
N GLY B 44 -17.45 -10.92 -12.21
CA GLY B 44 -16.16 -11.49 -11.79
C GLY B 44 -16.13 -11.44 -10.28
N TRP B 45 -14.98 -11.68 -9.65
CA TRP B 45 -14.88 -11.51 -8.19
C TRP B 45 -14.49 -10.10 -7.85
N THR B 46 -15.19 -9.54 -6.85
CA THR B 46 -14.90 -8.25 -6.28
C THR B 46 -15.07 -8.39 -4.75
N PRO B 47 -14.14 -7.82 -3.97
CA PRO B 47 -14.28 -7.87 -2.51
C PRO B 47 -15.32 -6.86 -2.01
N ASN B 48 -15.58 -6.87 -0.71
CA ASN B 48 -16.58 -5.94 -0.17
C ASN B 48 -16.14 -4.48 -0.16
N LEU B 49 -14.88 -4.23 0.11
CA LEU B 49 -14.26 -2.92 -0.11
C LEU B 49 -12.96 -3.14 -0.86
N ASP B 50 -12.57 -2.19 -1.71
CA ASP B 50 -11.31 -2.32 -2.44
C ASP B 50 -10.18 -1.87 -1.55
N SER B 51 -9.27 -2.80 -1.25
CA SER B 51 -8.00 -2.46 -0.61
C SER B 51 -6.98 -3.50 -1.02
N ASN B 52 -5.71 -3.23 -0.74
CA ASN B 52 -4.63 -4.16 -1.06
C ASN B 52 -4.46 -5.33 -0.07
N LYS B 53 -5.39 -5.45 0.87
CA LYS B 53 -5.43 -6.55 1.81
C LYS B 53 -6.45 -7.62 1.40
N GLU B 54 -7.18 -7.41 0.32
CA GLU B 54 -8.16 -8.40 -0.13
C GLU B 54 -7.48 -9.43 -1.05
N TYR B 55 -8.04 -10.65 -1.09
CA TYR B 55 -7.48 -11.74 -1.90
C TYR B 55 -8.56 -12.71 -2.40
N LEU B 56 -8.25 -13.31 -3.54
CA LEU B 56 -8.97 -14.47 -4.08
C LEU B 56 -8.07 -15.67 -3.85
N GLN B 57 -8.63 -16.75 -3.34
CA GLN B 57 -7.88 -17.93 -2.92
C GLN B 57 -8.38 -19.14 -3.69
N VAL B 58 -7.44 -19.97 -4.16
CA VAL B 58 -7.73 -21.26 -4.78
C VAL B 58 -6.97 -22.32 -4.06
N ASP B 59 -7.70 -23.34 -3.64
CA ASP B 59 -7.12 -24.54 -3.07
C ASP B 59 -7.07 -25.58 -4.17
N LEU B 60 -5.87 -25.95 -4.61
CA LEU B 60 -5.72 -26.98 -5.65
C LEU B 60 -5.83 -28.40 -5.10
N ARG B 61 -5.97 -28.55 -3.78
CA ARG B 61 -6.21 -29.83 -3.09
C ARG B 61 -5.00 -30.75 -2.98
N PHE B 62 -4.09 -30.67 -3.94
CA PHE B 62 -2.88 -31.47 -3.96
C PHE B 62 -1.72 -30.60 -4.37
N LEU B 63 -0.53 -31.09 -4.03
CA LEU B 63 0.70 -30.41 -4.38
C LEU B 63 0.80 -30.35 -5.90
N THR B 64 0.97 -29.14 -6.44
CA THR B 64 0.85 -28.90 -7.90
C THR B 64 1.97 -27.99 -8.33
N MET B 65 2.54 -28.22 -9.51
CA MET B 65 3.56 -27.30 -10.04
C MET B 65 2.83 -26.14 -10.65
N LEU B 66 3.11 -24.93 -10.18
CA LEU B 66 2.50 -23.73 -10.72
C LEU B 66 3.53 -22.99 -11.58
N THR B 67 3.22 -22.74 -12.84
CA THR B 67 4.17 -22.06 -13.74
C THR B 67 3.68 -20.71 -14.25
N ALA B 68 2.36 -20.47 -14.27
CA ALA B 68 1.84 -19.20 -14.75
C ALA B 68 0.45 -18.88 -14.21
N ILE B 69 0.10 -17.60 -14.29
CA ILE B 69 -1.19 -17.07 -13.91
C ILE B 69 -1.71 -16.12 -14.98
N ALA B 70 -2.97 -16.26 -15.33
CA ALA B 70 -3.62 -15.34 -16.28
C ALA B 70 -4.77 -14.67 -15.56
N THR B 71 -4.95 -13.37 -15.81
CA THR B 71 -6.06 -12.63 -15.24
C THR B 71 -6.79 -11.80 -16.28
N GLN B 72 -8.07 -11.54 -16.00
CA GLN B 72 -8.85 -10.50 -16.64
C GLN B 72 -9.53 -9.69 -15.55
N GLY B 73 -10.01 -8.50 -15.91
CA GLY B 73 -11.06 -7.82 -15.17
C GLY B 73 -12.44 -8.29 -15.57
N ALA B 74 -13.41 -7.39 -15.46
CA ALA B 74 -14.79 -7.72 -15.78
C ALA B 74 -15.55 -6.44 -16.06
N ILE B 75 -16.48 -6.55 -17.01
CA ILE B 75 -17.48 -5.52 -17.25
C ILE B 75 -18.71 -5.88 -16.44
N SER B 76 -19.23 -4.92 -15.69
CA SER B 76 -20.48 -5.10 -14.98
C SER B 76 -21.57 -5.30 -16.01
N ARG B 77 -22.27 -6.41 -15.89
CA ARG B 77 -23.43 -6.65 -16.78
C ARG B 77 -24.56 -5.68 -16.43
N GLU B 78 -24.54 -5.14 -15.21
CA GLU B 78 -25.55 -4.16 -14.75
C GLU B 78 -25.33 -2.73 -15.30
N THR B 79 -24.11 -2.21 -15.18
CA THR B 79 -23.80 -0.80 -15.50
C THR B 79 -22.94 -0.57 -16.75
N GLN B 80 -22.43 -1.65 -17.34
CA GLN B 80 -21.41 -1.57 -18.41
C GLN B 80 -20.05 -0.93 -18.00
N ASN B 81 -19.84 -0.61 -16.72
CA ASN B 81 -18.55 -0.07 -16.29
C ASN B 81 -17.52 -1.21 -16.24
N GLY B 82 -16.29 -0.90 -16.62
CA GLY B 82 -15.19 -1.85 -16.58
C GLY B 82 -14.43 -1.72 -15.28
N TYR B 83 -14.01 -2.86 -14.74
CA TYR B 83 -13.16 -2.92 -13.54
C TYR B 83 -12.04 -3.91 -13.80
N TYR B 84 -10.82 -3.58 -13.37
CA TYR B 84 -9.71 -4.50 -13.51
C TYR B 84 -8.55 -4.24 -12.56
N VAL B 85 -7.90 -5.33 -12.17
CA VAL B 85 -6.71 -5.27 -11.35
C VAL B 85 -5.54 -4.95 -12.26
N LYS B 86 -4.73 -3.96 -11.87
CA LYS B 86 -3.58 -3.47 -12.65
C LYS B 86 -2.27 -4.09 -12.24
N SER B 87 -2.21 -4.50 -10.97
CA SER B 87 -1.05 -5.27 -10.44
C SER B 87 -1.49 -6.06 -9.21
N TYR B 88 -0.76 -7.15 -8.96
CA TYR B 88 -1.03 -8.05 -7.84
C TYR B 88 0.26 -8.76 -7.31
N LYS B 89 0.18 -9.22 -6.06
CA LYS B 89 1.13 -10.12 -5.46
C LYS B 89 0.49 -11.48 -5.35
N LEU B 90 1.36 -12.49 -5.25
CA LEU B 90 0.99 -13.87 -5.16
C LEU B 90 1.40 -14.31 -3.78
N GLU B 91 0.52 -15.03 -3.10
CA GLU B 91 0.86 -15.65 -1.81
C GLU B 91 0.56 -17.16 -1.96
N VAL B 92 1.44 -17.99 -1.42
CA VAL B 92 1.35 -19.45 -1.63
C VAL B 92 1.55 -20.22 -0.33
N SER B 93 1.07 -21.44 -0.31
CA SER B 93 1.13 -22.30 0.87
C SER B 93 0.98 -23.75 0.49
N THR B 94 1.71 -24.64 1.15
CA THR B 94 1.51 -26.06 1.00
C THR B 94 0.41 -26.60 1.94
N ASN B 95 0.14 -25.92 3.05
CA ASN B 95 -0.76 -26.45 4.09
C ASN B 95 -1.94 -25.56 4.49
N GLY B 96 -2.07 -24.40 3.86
CA GLY B 96 -3.16 -23.47 4.20
C GLY B 96 -2.99 -22.65 5.47
N GLU B 97 -1.83 -22.79 6.13
CA GLU B 97 -1.51 -22.06 7.36
C GLU B 97 -0.21 -21.25 7.32
N ASP B 98 0.87 -21.84 6.81
CA ASP B 98 2.13 -21.13 6.60
C ASP B 98 2.09 -20.52 5.18
N TRP B 99 1.91 -19.21 5.10
CA TRP B 99 1.82 -18.49 3.81
C TRP B 99 3.08 -17.68 3.57
N MET B 100 3.47 -17.63 2.29
CA MET B 100 4.66 -16.93 1.86
C MET B 100 4.27 -16.10 0.64
N VAL B 101 4.57 -14.82 0.71
CA VAL B 101 4.38 -13.90 -0.42
C VAL B 101 5.51 -14.18 -1.39
N TYR B 102 5.17 -14.30 -2.67
CA TYR B 102 6.12 -14.72 -3.68
C TYR B 102 7.11 -13.61 -3.97
N ARG B 103 8.40 -13.98 -3.98
CA ARG B 103 9.49 -13.03 -4.13
C ARG B 103 10.23 -13.32 -5.44
N HIS B 104 10.82 -12.26 -6.01
CA HIS B 104 11.83 -12.37 -7.05
C HIS B 104 13.07 -11.63 -6.52
N GLY B 105 14.07 -12.40 -6.11
CA GLY B 105 15.19 -11.85 -5.34
C GLY B 105 14.73 -11.43 -3.94
N LYS B 106 15.17 -10.24 -3.52
CA LYS B 106 14.98 -9.78 -2.15
C LYS B 106 13.54 -9.39 -1.83
N ASN B 107 12.84 -8.82 -2.81
CA ASN B 107 11.55 -8.19 -2.58
C ASN B 107 10.39 -8.97 -3.19
N HIS B 108 9.17 -8.69 -2.71
CA HIS B 108 7.96 -9.28 -3.28
C HIS B 108 7.92 -9.02 -4.78
N LYS B 109 7.45 -10.00 -5.56
CA LYS B 109 7.20 -9.83 -6.97
C LYS B 109 5.86 -9.12 -7.13
N VAL B 110 5.88 -8.03 -7.88
CA VAL B 110 4.67 -7.32 -8.21
C VAL B 110 4.38 -7.67 -9.66
N PHE B 111 3.30 -8.42 -9.90
CA PHE B 111 2.95 -8.87 -11.24
C PHE B 111 2.15 -7.76 -11.89
N GLN B 112 2.58 -7.31 -13.06
CA GLN B 112 1.80 -6.36 -13.87
C GLN B 112 0.64 -7.11 -14.54
N ALA B 113 -0.57 -6.60 -14.36
CA ALA B 113 -1.76 -7.33 -14.77
C ALA B 113 -2.50 -6.60 -15.89
N ASN B 114 -3.78 -6.33 -15.74
CA ASN B 114 -4.61 -5.92 -16.88
C ASN B 114 -4.54 -4.42 -17.13
N ASN B 115 -4.81 -4.06 -18.39
CA ASN B 115 -4.94 -2.68 -18.76
C ASN B 115 -6.28 -2.40 -19.44
N ASP B 116 -7.24 -3.34 -19.31
CA ASP B 116 -8.64 -3.19 -19.73
C ASP B 116 -9.45 -4.26 -19.03
N ALA B 117 -10.76 -4.28 -19.21
CA ALA B 117 -11.62 -5.22 -18.49
C ALA B 117 -11.81 -6.56 -19.16
N THR B 118 -11.37 -6.74 -20.42
CA THR B 118 -11.77 -7.90 -21.23
C THR B 118 -10.64 -8.87 -21.61
N GLU B 119 -9.42 -8.39 -21.80
CA GLU B 119 -8.36 -9.22 -22.36
C GLU B 119 -7.59 -9.96 -21.30
N VAL B 120 -7.04 -11.11 -21.67
CA VAL B 120 -6.29 -11.96 -20.76
C VAL B 120 -4.84 -11.50 -20.73
N VAL B 121 -4.27 -11.33 -19.54
CA VAL B 121 -2.84 -11.08 -19.38
C VAL B 121 -2.23 -12.27 -18.64
N LEU B 122 -1.20 -12.87 -19.25
CA LEU B 122 -0.48 -14.04 -18.69
C LEU B 122 0.87 -13.61 -18.09
N ASN B 123 1.16 -14.05 -16.86
CA ASN B 123 2.47 -13.86 -16.25
C ASN B 123 3.06 -15.19 -15.85
N LYS B 124 4.27 -15.49 -16.30
CA LYS B 124 4.97 -16.71 -15.90
C LYS B 124 5.74 -16.50 -14.59
N LEU B 125 5.75 -17.51 -13.74
CA LEU B 125 6.61 -17.45 -12.57
C LEU B 125 8.05 -17.59 -13.07
N HIS B 126 8.97 -16.84 -12.48
CA HIS B 126 10.40 -16.93 -12.86
C HIS B 126 11.00 -18.32 -12.58
N ALA B 127 10.41 -19.07 -11.64
CA ALA B 127 10.66 -20.50 -11.56
C ALA B 127 9.39 -21.26 -11.19
N PRO B 128 9.17 -22.47 -11.73
CA PRO B 128 8.01 -23.23 -11.30
C PRO B 128 8.05 -23.52 -9.80
N LEU B 129 6.89 -23.48 -9.19
CA LEU B 129 6.75 -23.51 -7.76
C LEU B 129 5.78 -24.65 -7.39
N LEU B 130 6.18 -25.46 -6.43
CA LEU B 130 5.35 -26.53 -5.94
C LEU B 130 4.47 -26.00 -4.78
N THR B 131 3.17 -25.90 -5.01
CA THR B 131 2.27 -25.32 -4.00
C THR B 131 0.96 -26.04 -4.01
N ARG B 132 0.18 -25.86 -2.94
CA ARG B 132 -1.21 -26.33 -2.89
C ARG B 132 -2.25 -25.20 -3.00
N PHE B 133 -1.99 -24.11 -2.29
CA PHE B 133 -2.88 -22.97 -2.22
C PHE B 133 -2.26 -21.78 -2.96
N VAL B 134 -3.12 -20.97 -3.57
CA VAL B 134 -2.72 -19.78 -4.26
C VAL B 134 -3.63 -18.66 -3.83
N ARG B 135 -3.06 -17.50 -3.53
CA ARG B 135 -3.81 -16.26 -3.33
C ARG B 135 -3.32 -15.18 -4.26
N ILE B 136 -4.27 -14.54 -4.93
CA ILE B 136 -4.02 -13.38 -5.76
C ILE B 136 -4.46 -12.15 -4.96
N ARG B 137 -3.51 -11.26 -4.66
CA ARG B 137 -3.72 -10.06 -3.83
C ARG B 137 -3.53 -8.78 -4.65
N PRO B 138 -4.63 -8.20 -5.11
CA PRO B 138 -4.55 -6.96 -5.91
C PRO B 138 -3.86 -5.84 -5.16
N GLN B 139 -3.00 -5.10 -5.84
CA GLN B 139 -2.30 -3.95 -5.24
C GLN B 139 -2.78 -2.63 -5.84
N THR B 140 -3.03 -2.60 -7.15
CA THR B 140 -3.60 -1.45 -7.83
C THR B 140 -4.71 -1.90 -8.79
N TRP B 141 -5.63 -0.99 -9.07
CA TRP B 141 -6.81 -1.31 -9.86
C TRP B 141 -7.35 -0.08 -10.57
N HIS B 142 -8.17 -0.32 -11.58
CA HIS B 142 -8.79 0.76 -12.35
C HIS B 142 -10.24 0.72 -11.99
N SER B 143 -10.69 1.79 -11.35
CA SER B 143 -12.08 1.96 -10.99
C SER B 143 -12.51 1.09 -9.81
N GLY B 144 -12.11 -0.18 -9.77
CA GLY B 144 -12.37 -1.05 -8.64
C GLY B 144 -11.73 -2.40 -8.92
N ILE B 145 -11.62 -3.24 -7.89
CA ILE B 145 -11.10 -4.59 -8.05
C ILE B 145 -12.14 -5.49 -8.72
N ALA B 146 -11.77 -6.12 -9.83
CA ALA B 146 -12.54 -7.25 -10.38
C ALA B 146 -11.56 -8.24 -11.00
N LEU B 147 -11.76 -9.53 -10.75
CA LEU B 147 -10.85 -10.56 -11.22
C LEU B 147 -11.54 -11.73 -11.85
N ARG B 148 -11.00 -12.17 -12.98
CA ARG B 148 -11.20 -13.53 -13.45
C ARG B 148 -9.80 -14.08 -13.67
N LEU B 149 -9.70 -15.39 -13.60
CA LEU B 149 -8.40 -16.05 -13.34
C LEU B 149 -8.30 -17.43 -14.00
N GLU B 150 -7.09 -17.75 -14.43
CA GLU B 150 -6.71 -19.14 -14.68
C GLU B 150 -5.31 -19.37 -14.13
N LEU B 151 -5.08 -20.60 -13.68
CA LEU B 151 -3.78 -21.02 -13.18
C LEU B 151 -3.26 -22.08 -14.14
N PHE B 152 -1.94 -22.09 -14.35
CA PHE B 152 -1.30 -23.03 -15.27
C PHE B 152 -0.16 -23.73 -14.61
N GLY B 153 0.02 -24.99 -14.97
CA GLY B 153 1.09 -25.78 -14.42
C GLY B 153 0.87 -27.23 -14.75
N CYS B 154 1.00 -28.08 -13.75
CA CYS B 154 0.80 -29.52 -13.95
C CYS B 154 0.75 -30.19 -12.58
N ARG B 155 0.02 -31.28 -12.53
CA ARG B 155 -0.24 -31.97 -11.29
C ARG B 155 0.86 -32.97 -11.00
N VAL B 156 1.25 -32.99 -9.72
CA VAL B 156 2.39 -33.72 -9.16
C VAL B 156 3.65 -33.14 -9.79
N MET C 1 -31.61 23.34 -34.87
CA MET C 1 -32.08 24.17 -33.73
C MET C 1 -31.05 24.12 -32.60
N PHE C 2 -30.71 25.28 -32.05
CA PHE C 2 -29.70 25.35 -31.01
C PHE C 2 -30.29 24.90 -29.66
N GLN C 3 -29.53 24.06 -28.96
CA GLN C 3 -29.86 23.60 -27.61
C GLN C 3 -28.79 24.06 -26.64
N CYS C 4 -29.22 24.48 -25.45
CA CYS C 4 -28.35 25.05 -24.44
C CYS C 4 -27.78 23.95 -23.55
N ASN C 5 -26.97 23.08 -24.14
CA ASN C 5 -26.39 21.96 -23.39
C ASN C 5 -24.98 21.62 -23.82
N VAL C 6 -24.25 22.60 -24.32
CA VAL C 6 -22.93 22.34 -24.90
C VAL C 6 -21.85 22.48 -23.84
N PRO C 7 -20.73 21.75 -23.99
CA PRO C 7 -19.61 21.96 -23.04
C PRO C 7 -19.11 23.40 -23.12
N LEU C 8 -18.85 24.04 -21.99
CA LEU C 8 -18.46 25.44 -21.96
C LEU C 8 -16.95 25.68 -22.07
N GLY C 9 -16.14 24.64 -21.99
CA GLY C 9 -14.71 24.79 -22.29
C GLY C 9 -13.67 24.21 -21.36
N MET C 10 -14.06 23.41 -20.36
CA MET C 10 -13.01 22.78 -19.53
C MET C 10 -12.21 21.79 -20.36
N GLU C 11 -12.86 20.84 -21.01
CA GLU C 11 -12.12 19.87 -21.83
C GLU C 11 -11.47 20.49 -23.07
N SER C 12 -12.16 21.40 -23.73
CA SER C 12 -11.67 21.98 -24.97
C SER C 12 -10.49 22.98 -24.82
N GLY C 13 -10.34 23.59 -23.64
CA GLY C 13 -9.43 24.74 -23.46
C GLY C 13 -10.06 26.13 -23.71
N ARG C 14 -11.31 26.18 -24.19
CA ARG C 14 -12.04 27.44 -24.35
C ARG C 14 -12.17 28.24 -23.04
N ILE C 15 -12.26 27.54 -21.90
CA ILE C 15 -12.04 28.16 -20.60
C ILE C 15 -10.52 28.13 -20.35
N ALA C 16 -9.87 29.30 -20.35
CA ALA C 16 -8.41 29.41 -20.17
C ALA C 16 -7.97 29.06 -18.73
N ASN C 17 -6.70 28.69 -18.59
CA ASN C 17 -6.08 28.40 -17.30
C ASN C 17 -6.32 29.50 -16.28
N GLU C 18 -6.25 30.75 -16.74
CA GLU C 18 -6.38 31.95 -15.89
C GLU C 18 -7.78 32.06 -15.25
N GLN C 19 -8.78 31.50 -15.93
CA GLN C 19 -10.15 31.53 -15.46
C GLN C 19 -10.42 30.49 -14.35
N ILE C 20 -9.47 29.58 -14.11
CA ILE C 20 -9.63 28.46 -13.14
C ILE C 20 -8.79 28.78 -11.91
N SER C 21 -9.40 28.72 -10.74
CA SER C 21 -8.67 28.98 -9.49
C SER C 21 -9.24 28.10 -8.39
N ALA C 22 -8.67 28.19 -7.19
CA ALA C 22 -9.17 27.40 -6.06
C ALA C 22 -8.82 28.00 -4.72
N SER C 23 -9.48 27.52 -3.68
CA SER C 23 -9.17 27.96 -2.33
C SER C 23 -7.72 27.66 -1.93
N SER C 24 -7.21 26.52 -2.37
CA SER C 24 -5.83 26.10 -2.10
C SER C 24 -5.54 24.95 -3.04
N THR C 25 -4.27 24.51 -3.06
CA THR C 25 -3.88 23.37 -3.89
C THR C 25 -2.82 22.54 -3.14
N TYR C 26 -2.67 21.27 -3.50
CA TYR C 26 -1.81 20.37 -2.75
C TYR C 26 -0.35 20.86 -2.83
N SER C 27 0.35 20.84 -1.69
CA SER C 27 1.67 21.49 -1.54
C SER C 27 2.78 21.08 -2.53
N ASP C 28 2.67 19.90 -3.14
CA ASP C 28 3.68 19.43 -4.13
C ASP C 28 3.48 19.99 -5.55
N GLY C 29 2.47 20.84 -5.77
CA GLY C 29 2.22 21.46 -7.06
C GLY C 29 1.81 20.50 -8.17
N ARG C 30 1.41 19.26 -7.83
CA ARG C 30 1.02 18.26 -8.81
C ARG C 30 -0.51 18.07 -8.97
N TRP C 31 -1.30 18.95 -8.33
CA TRP C 31 -2.75 18.79 -8.28
C TRP C 31 -3.38 20.18 -8.39
N THR C 32 -2.90 20.94 -9.37
CA THR C 32 -3.23 22.36 -9.47
C THR C 32 -4.67 22.53 -9.98
N PRO C 33 -5.25 23.72 -9.76
CA PRO C 33 -6.62 23.94 -10.30
C PRO C 33 -6.71 23.71 -11.82
N GLN C 34 -5.63 24.01 -12.54
CA GLN C 34 -5.61 23.90 -14.01
C GLN C 34 -5.61 22.44 -14.47
N GLN C 35 -5.40 21.50 -13.53
CA GLN C 35 -5.50 20.09 -13.83
C GLN C 35 -6.94 19.55 -13.64
N SER C 36 -7.92 20.43 -13.40
CA SER C 36 -9.32 20.01 -13.18
C SER C 36 -10.16 19.80 -14.46
N ARG C 37 -9.55 19.77 -15.63
CA ARG C 37 -10.33 19.62 -16.88
C ARG C 37 -10.79 18.20 -17.05
N LEU C 38 -12.07 18.04 -17.40
CA LEU C 38 -12.62 16.71 -17.68
C LEU C 38 -11.67 15.90 -18.60
N HIS C 39 -11.44 14.65 -18.21
CA HIS C 39 -10.57 13.70 -18.91
C HIS C 39 -9.10 14.09 -18.97
N GLY C 40 -8.64 15.00 -18.12
CA GLY C 40 -7.23 15.37 -18.13
C GLY C 40 -6.42 14.17 -17.70
N ASP C 41 -5.23 14.02 -18.26
CA ASP C 41 -4.45 12.79 -18.02
C ASP C 41 -3.44 12.91 -16.85
N ASP C 42 -3.34 14.09 -16.24
CA ASP C 42 -2.36 14.33 -15.19
C ASP C 42 -3.02 14.70 -13.88
N ASN C 43 -3.29 13.71 -13.04
CA ASN C 43 -3.99 13.92 -11.76
C ASN C 43 -5.30 14.75 -11.92
N GLY C 44 -5.53 15.72 -11.03
CA GLY C 44 -6.75 16.51 -11.01
C GLY C 44 -6.49 17.64 -10.01
N TRP C 45 -7.49 18.48 -9.75
CA TRP C 45 -7.36 19.44 -8.66
C TRP C 45 -7.55 18.73 -7.32
N THR C 46 -6.67 19.05 -6.37
CA THR C 46 -6.84 18.65 -4.98
C THR C 46 -6.40 19.84 -4.10
N PRO C 47 -7.18 20.17 -3.04
CA PRO C 47 -6.79 21.22 -2.12
C PRO C 47 -5.60 20.80 -1.23
N ASN C 48 -5.05 21.77 -0.51
CA ASN C 48 -3.95 21.47 0.40
C ASN C 48 -4.41 20.61 1.58
N LEU C 49 -5.63 20.85 2.05
CA LEU C 49 -6.25 20.03 3.09
C LEU C 49 -7.61 19.54 2.61
N ASP C 50 -7.96 18.31 2.99
CA ASP C 50 -9.26 17.75 2.70
C ASP C 50 -10.27 18.25 3.72
N SER C 51 -11.14 19.15 3.28
CA SER C 51 -12.21 19.66 4.14
C SER C 51 -13.34 20.14 3.26
N ASN C 52 -14.52 20.31 3.86
CA ASN C 52 -15.70 20.81 3.13
C ASN C 52 -15.70 22.33 2.95
N LYS C 53 -14.59 22.99 3.33
CA LYS C 53 -14.43 24.42 3.14
C LYS C 53 -13.65 24.78 1.86
N GLU C 54 -13.15 23.78 1.15
CA GLU C 54 -12.32 24.05 -0.03
C GLU C 54 -13.20 24.15 -1.26
N TYR C 55 -12.72 24.85 -2.30
CA TYR C 55 -13.47 24.99 -3.54
C TYR C 55 -12.59 25.10 -4.77
N LEU C 56 -13.13 24.64 -5.89
CA LEU C 56 -12.58 24.89 -7.20
C LEU C 56 -13.48 25.92 -7.85
N GLN C 57 -12.88 26.91 -8.48
CA GLN C 57 -13.62 28.05 -9.02
C GLN C 57 -13.36 28.26 -10.49
N VAL C 58 -14.41 28.55 -11.24
CA VAL C 58 -14.32 28.89 -12.64
C VAL C 58 -14.97 30.25 -12.88
N ASP C 59 -14.21 31.18 -13.42
CA ASP C 59 -14.76 32.43 -13.88
C ASP C 59 -15.08 32.27 -15.36
N LEU C 60 -16.36 32.25 -15.72
CA LEU C 60 -16.76 32.18 -17.12
C LEU C 60 -16.64 33.53 -17.87
N ARG C 61 -16.24 34.60 -17.18
CA ARG C 61 -15.95 35.94 -17.75
C ARG C 61 -17.17 36.80 -18.13
N PHE C 62 -18.25 36.16 -18.57
CA PHE C 62 -19.52 36.84 -18.86
C PHE C 62 -20.66 36.00 -18.30
N LEU C 63 -21.83 36.64 -18.16
CA LEU C 63 -23.08 35.95 -17.84
C LEU C 63 -23.31 34.84 -18.86
N THR C 64 -23.52 33.64 -18.35
CA THR C 64 -23.61 32.42 -19.12
C THR C 64 -24.76 31.59 -18.54
N MET C 65 -25.52 30.91 -19.40
CA MET C 65 -26.56 29.99 -18.95
CA MET C 65 -26.57 30.00 -18.97
C MET C 65 -25.92 28.66 -18.61
N LEU C 66 -25.99 28.27 -17.33
CA LEU C 66 -25.42 27.01 -16.86
C LEU C 66 -26.56 26.01 -16.73
N THR C 67 -26.42 24.86 -17.39
CA THR C 67 -27.46 23.82 -17.39
C THR C 67 -27.04 22.49 -16.72
N ALA C 68 -25.75 22.22 -16.60
CA ALA C 68 -25.29 20.96 -16.03
C ALA C 68 -23.81 20.99 -15.66
N ILE C 69 -23.45 20.07 -14.77
CA ILE C 69 -22.09 19.93 -14.25
C ILE C 69 -21.74 18.43 -14.32
N ALA C 70 -20.57 18.12 -14.86
CA ALA C 70 -20.04 16.74 -14.85
C ALA C 70 -18.74 16.72 -14.04
N THR C 71 -18.52 15.66 -13.26
CA THR C 71 -17.28 15.50 -12.49
C THR C 71 -16.72 14.10 -12.62
N GLN C 72 -15.40 14.03 -12.46
CA GLN C 72 -14.65 12.82 -12.22
C GLN C 72 -13.78 13.05 -10.99
N GLY C 73 -13.31 11.95 -10.43
CA GLY C 73 -12.20 11.97 -9.50
C GLY C 73 -10.90 11.93 -10.30
N ALA C 74 -9.87 11.33 -9.70
CA ALA C 74 -8.59 11.12 -10.41
C ALA C 74 -7.71 10.06 -9.75
N ILE C 75 -6.88 9.43 -10.58
CA ILE C 75 -5.86 8.47 -10.16
C ILE C 75 -4.52 9.19 -10.11
N SER C 76 -3.84 9.10 -8.97
CA SER C 76 -2.52 9.69 -8.82
C SER C 76 -1.52 9.04 -9.79
N ARG C 77 -0.84 9.87 -10.56
CA ARG C 77 0.29 9.42 -11.35
C ARG C 77 1.47 8.93 -10.49
N GLU C 78 1.58 9.47 -9.28
CA GLU C 78 2.70 9.17 -8.39
C GLU C 78 2.48 7.87 -7.61
N THR C 79 1.24 7.59 -7.22
CA THR C 79 0.92 6.43 -6.37
C THR C 79 -0.06 5.42 -6.93
N GLN C 80 -0.73 5.72 -8.06
CA GLN C 80 -1.82 4.88 -8.60
C GLN C 80 -3.05 4.69 -7.67
N ASN C 81 -3.12 5.47 -6.58
CA ASN C 81 -4.30 5.50 -5.71
C ASN C 81 -5.37 6.41 -6.35
N GLY C 82 -6.63 6.02 -6.19
CA GLY C 82 -7.78 6.76 -6.74
C GLY C 82 -8.44 7.61 -5.67
N TYR C 83 -8.81 8.83 -6.04
CA TYR C 83 -9.50 9.79 -5.17
C TYR C 83 -10.72 10.32 -5.91
N TYR C 84 -11.80 10.58 -5.18
CA TYR C 84 -12.97 11.20 -5.81
C TYR C 84 -13.88 11.91 -4.82
N VAL C 85 -14.62 12.88 -5.35
CA VAL C 85 -15.62 13.62 -4.60
C VAL C 85 -16.93 12.83 -4.76
N LYS C 86 -17.55 12.49 -3.63
CA LYS C 86 -18.83 11.78 -3.61
C LYS C 86 -20.05 12.72 -3.63
N SER C 87 -19.88 13.94 -3.11
CA SER C 87 -20.99 14.92 -3.07
C SER C 87 -20.43 16.30 -2.94
N TYR C 88 -21.11 17.29 -3.52
CA TYR C 88 -20.66 18.67 -3.43
C TYR C 88 -21.82 19.66 -3.39
N LYS C 89 -21.53 20.88 -2.92
CA LYS C 89 -22.47 22.01 -3.07
C LYS C 89 -21.92 22.93 -4.17
N LEU C 90 -22.82 23.70 -4.77
CA LEU C 90 -22.48 24.69 -5.80
C LEU C 90 -22.67 26.09 -5.24
N GLU C 91 -21.70 26.97 -5.48
CA GLU C 91 -21.82 28.39 -5.14
C GLU C 91 -21.68 29.18 -6.44
N VAL C 92 -22.50 30.18 -6.60
CA VAL C 92 -22.56 30.96 -7.83
C VAL C 92 -22.59 32.47 -7.52
N SER C 93 -22.25 33.24 -8.55
CA SER C 93 -22.18 34.68 -8.46
C SER C 93 -22.17 35.27 -9.85
N THR C 94 -22.80 36.43 -9.99
CA THR C 94 -22.75 37.24 -11.21
C THR C 94 -21.57 38.22 -11.25
N ASN C 95 -21.11 38.66 -10.09
CA ASN C 95 -20.09 39.73 -10.00
C ASN C 95 -18.82 39.32 -9.28
N GLY C 96 -18.75 38.11 -8.77
CA GLY C 96 -17.59 37.69 -7.99
C GLY C 96 -17.52 38.21 -6.57
N GLU C 97 -18.54 38.93 -6.11
CA GLU C 97 -18.60 39.46 -4.73
C GLU C 97 -19.79 38.95 -3.92
N ASP C 98 -20.97 38.99 -4.52
CA ASP C 98 -22.18 38.45 -3.90
C ASP C 98 -22.27 36.97 -4.29
N TRP C 99 -21.98 36.10 -3.34
CA TRP C 99 -22.05 34.66 -3.54
C TRP C 99 -23.29 34.04 -2.90
N MET C 100 -23.91 33.10 -3.62
CA MET C 100 -25.05 32.36 -3.11
C MET C 100 -24.85 30.87 -3.32
N VAL C 101 -25.17 30.08 -2.29
CA VAL C 101 -25.15 28.62 -2.41
C VAL C 101 -26.41 28.22 -3.18
N TYR C 102 -26.22 27.37 -4.20
CA TYR C 102 -27.31 26.93 -5.04
C TYR C 102 -28.34 26.08 -4.27
N ARG C 103 -29.61 26.38 -4.50
CA ARG C 103 -30.72 25.68 -3.84
C ARG C 103 -31.64 25.20 -4.92
N HIS C 104 -32.11 23.97 -4.78
CA HIS C 104 -33.26 23.44 -5.54
C HIS C 104 -34.29 23.21 -4.47
N GLY C 105 -35.37 23.96 -4.53
CA GLY C 105 -36.30 23.97 -3.43
C GLY C 105 -35.72 24.78 -2.31
N LYS C 106 -36.22 24.55 -1.11
CA LYS C 106 -35.90 25.32 0.09
C LYS C 106 -34.44 25.27 0.52
N ASN C 107 -33.81 24.09 0.48
CA ASN C 107 -32.53 23.89 1.11
C ASN C 107 -31.40 23.91 0.09
N HIS C 108 -30.16 24.00 0.57
CA HIS C 108 -28.99 23.81 -0.29
C HIS C 108 -29.14 22.50 -1.08
N LYS C 109 -28.72 22.52 -2.34
CA LYS C 109 -28.68 21.35 -3.17
C LYS C 109 -27.34 20.65 -2.90
N VAL C 110 -27.38 19.40 -2.44
CA VAL C 110 -26.17 18.60 -2.32
C VAL C 110 -26.17 17.70 -3.54
N PHE C 111 -25.30 18.01 -4.48
CA PHE C 111 -25.17 17.20 -5.67
C PHE C 111 -24.47 15.91 -5.32
N GLN C 112 -24.97 14.80 -5.86
CA GLN C 112 -24.33 13.53 -5.68
C GLN C 112 -23.42 13.33 -6.88
N ALA C 113 -22.18 12.93 -6.59
CA ALA C 113 -21.17 12.95 -7.62
C ALA C 113 -20.62 11.50 -7.83
N ASN C 114 -19.31 11.31 -7.70
CA ASN C 114 -18.66 10.09 -8.18
C ASN C 114 -18.68 8.96 -7.17
N ASN C 115 -18.51 7.74 -7.70
CA ASN C 115 -18.34 6.52 -6.93
C ASN C 115 -17.07 5.73 -7.29
N ASP C 116 -16.20 6.36 -8.07
CA ASP C 116 -14.90 5.82 -8.45
C ASP C 116 -14.06 7.00 -8.98
N ALA C 117 -12.78 6.75 -9.30
CA ALA C 117 -11.88 7.81 -9.78
C ALA C 117 -11.93 8.09 -11.29
N THR C 118 -12.65 7.29 -12.07
CA THR C 118 -12.56 7.35 -13.55
C THR C 118 -13.83 7.78 -14.30
N GLU C 119 -15.00 7.35 -13.84
CA GLU C 119 -16.25 7.57 -14.60
C GLU C 119 -16.87 8.94 -14.37
N VAL C 120 -17.59 9.43 -15.38
CA VAL C 120 -18.15 10.76 -15.40
C VAL C 120 -19.56 10.68 -14.85
N VAL C 121 -19.89 11.55 -13.88
CA VAL C 121 -21.27 11.64 -13.37
C VAL C 121 -21.75 13.04 -13.71
N LEU C 122 -22.92 13.10 -14.34
CA LEU C 122 -23.55 14.33 -14.80
C LEU C 122 -24.75 14.67 -13.92
N ASN C 123 -24.81 15.92 -13.44
CA ASN C 123 -25.98 16.49 -12.80
C ASN C 123 -26.50 17.65 -13.64
N LYS C 124 -27.74 17.55 -14.09
CA LYS C 124 -28.40 18.64 -14.78
C LYS C 124 -29.14 19.47 -13.75
N LEU C 125 -29.08 20.78 -13.89
CA LEU C 125 -29.79 21.67 -13.01
C LEU C 125 -31.27 21.58 -13.34
N HIS C 126 -32.13 21.78 -12.34
CA HIS C 126 -33.57 21.69 -12.58
C HIS C 126 -34.02 22.83 -13.52
N ALA C 127 -33.33 23.97 -13.49
CA ALA C 127 -33.53 25.03 -14.51
C ALA C 127 -32.18 25.63 -14.86
N PRO C 128 -32.07 26.26 -16.04
CA PRO C 128 -30.83 26.94 -16.37
C PRO C 128 -30.61 28.17 -15.50
N LEU C 129 -29.37 28.34 -15.08
CA LEU C 129 -29.01 29.39 -14.15
C LEU C 129 -28.11 30.37 -14.88
N LEU C 130 -28.45 31.65 -14.82
CA LEU C 130 -27.63 32.70 -15.41
C LEU C 130 -26.56 33.14 -14.39
N THR C 131 -25.30 32.78 -14.64
CA THR C 131 -24.22 33.05 -13.68
C THR C 131 -22.95 33.41 -14.41
N ARG C 132 -22.01 34.01 -13.70
CA ARG C 132 -20.68 34.24 -14.24
C ARG C 132 -19.66 33.30 -13.59
N PHE C 133 -19.72 33.15 -12.27
CA PHE C 133 -18.77 32.34 -11.53
C PHE C 133 -19.47 31.11 -10.99
N VAL C 134 -18.69 30.04 -10.92
CA VAL C 134 -19.08 28.72 -10.43
C VAL C 134 -18.01 28.26 -9.43
N ARG C 135 -18.45 27.89 -8.23
CA ARG C 135 -17.61 27.18 -7.28
C ARG C 135 -18.14 25.78 -6.98
N ILE C 136 -17.27 24.78 -7.09
CA ILE C 136 -17.60 23.43 -6.67
C ILE C 136 -16.98 23.21 -5.29
N ARG C 137 -17.80 22.89 -4.30
CA ARG C 137 -17.39 22.77 -2.91
C ARG C 137 -17.66 21.35 -2.41
N PRO C 138 -16.64 20.48 -2.45
CA PRO C 138 -16.82 19.07 -2.03
C PRO C 138 -17.28 18.96 -0.57
N GLN C 139 -18.24 18.07 -0.33
CA GLN C 139 -18.79 17.85 1.00
C GLN C 139 -18.35 16.48 1.56
N THR C 140 -18.29 15.47 0.70
CA THR C 140 -17.80 14.14 1.05
C THR C 140 -16.95 13.61 -0.07
N TRP C 141 -16.08 12.66 0.26
CA TRP C 141 -15.07 12.15 -0.70
C TRP C 141 -14.54 10.78 -0.25
N HIS C 142 -13.94 10.03 -1.18
CA HIS C 142 -13.29 8.76 -0.86
C HIS C 142 -11.80 8.96 -0.94
N SER C 143 -11.11 8.65 0.18
CA SER C 143 -9.64 8.79 0.37
C SER C 143 -9.16 10.23 0.40
N GLY C 144 -9.74 11.08 -0.44
CA GLY C 144 -9.39 12.50 -0.43
C GLY C 144 -10.06 13.18 -1.59
N ILE C 145 -10.04 14.52 -1.58
CA ILE C 145 -10.68 15.30 -2.64
C ILE C 145 -9.78 15.28 -3.87
N ALA C 146 -10.33 14.86 -5.01
CA ALA C 146 -9.73 15.11 -6.35
C ALA C 146 -10.88 15.38 -7.31
N LEU C 147 -10.73 16.37 -8.18
CA LEU C 147 -11.81 16.79 -9.10
C LEU C 147 -11.28 17.09 -10.50
N ARG C 148 -11.96 16.53 -11.50
CA ARG C 148 -11.95 17.01 -12.87
C ARG C 148 -13.41 17.32 -13.23
N LEU C 149 -13.61 18.26 -14.14
CA LEU C 149 -14.90 18.96 -14.28
C LEU C 149 -15.19 19.36 -15.70
N GLU C 150 -16.47 19.31 -16.07
CA GLU C 150 -17.00 20.03 -17.23
C GLU C 150 -18.30 20.77 -16.84
N LEU C 151 -18.50 21.93 -17.46
CA LEU C 151 -19.67 22.77 -17.27
C LEU C 151 -20.37 22.78 -18.60
N PHE C 152 -21.72 22.78 -18.55
CA PHE C 152 -22.54 22.74 -19.76
C PHE C 152 -23.54 23.85 -19.72
N GLY C 153 -23.87 24.37 -20.90
CA GLY C 153 -24.90 25.36 -21.04
C GLY C 153 -24.73 26.10 -22.35
N CYS C 154 -24.74 27.42 -22.28
CA CYS C 154 -24.56 28.23 -23.48
C CYS C 154 -24.29 29.68 -23.12
N ARG C 155 -23.55 30.33 -24.01
CA ARG C 155 -23.19 31.73 -23.85
C ARG C 155 -24.31 32.53 -24.48
N VAL C 156 -25.17 33.05 -23.63
CA VAL C 156 -26.18 34.04 -23.99
C VAL C 156 -26.84 34.50 -22.68
N MET D 1 37.45 -19.33 10.68
CA MET D 1 38.48 -18.26 10.59
C MET D 1 37.81 -16.98 10.11
N PHE D 2 38.10 -15.86 10.76
CA PHE D 2 37.48 -14.60 10.41
C PHE D 2 38.11 -14.02 9.14
N GLN D 3 37.25 -13.55 8.23
CA GLN D 3 37.66 -12.83 7.02
C GLN D 3 37.10 -11.43 7.00
N CYS D 4 37.91 -10.47 6.57
CA CYS D 4 37.54 -9.05 6.61
C CYS D 4 36.78 -8.68 5.34
N ASN D 5 35.56 -9.20 5.22
CA ASN D 5 34.72 -8.91 4.05
C ASN D 5 33.25 -8.85 4.37
N VAL D 6 32.90 -8.51 5.61
CA VAL D 6 31.51 -8.58 6.02
C VAL D 6 30.81 -7.25 5.74
N PRO D 7 29.50 -7.29 5.45
CA PRO D 7 28.75 -6.05 5.33
C PRO D 7 28.86 -5.20 6.60
N LEU D 8 29.10 -3.90 6.43
CA LEU D 8 29.32 -3.01 7.55
C LEU D 8 28.04 -2.39 8.11
N GLY D 9 26.91 -2.57 7.43
CA GLY D 9 25.61 -2.22 8.02
C GLY D 9 24.63 -1.31 7.29
N MET D 10 24.85 -1.04 6.01
CA MET D 10 23.86 -0.28 5.24
C MET D 10 22.56 -1.09 5.12
N GLU D 11 22.64 -2.31 4.61
CA GLU D 11 21.44 -3.14 4.42
C GLU D 11 20.86 -3.55 5.78
N SER D 12 21.71 -3.95 6.72
CA SER D 12 21.25 -4.44 8.03
C SER D 12 20.62 -3.36 8.91
N GLY D 13 21.02 -2.10 8.76
CA GLY D 13 20.63 -1.04 9.70
C GLY D 13 21.62 -0.77 10.83
N ARG D 14 22.69 -1.56 10.95
CA ARG D 14 23.74 -1.25 11.93
C ARG D 14 24.41 0.13 11.73
N ILE D 15 24.54 0.56 10.47
CA ILE D 15 24.83 1.96 10.16
C ILE D 15 23.48 2.71 10.31
N ALA D 16 23.36 3.49 11.38
CA ALA D 16 22.14 4.28 11.66
C ALA D 16 21.94 5.38 10.63
N ASN D 17 20.69 5.84 10.53
CA ASN D 17 20.33 6.96 9.67
C ASN D 17 21.20 8.19 9.85
N GLU D 18 21.55 8.46 11.12
CA GLU D 18 22.30 9.67 11.49
C GLU D 18 23.75 9.64 10.95
N GLN D 19 24.27 8.45 10.68
CA GLN D 19 25.61 8.27 10.14
C GLN D 19 25.70 8.50 8.62
N ILE D 20 24.54 8.58 7.95
CA ILE D 20 24.45 8.75 6.49
C ILE D 20 24.01 10.18 6.20
N SER D 21 24.78 10.86 5.35
CA SER D 21 24.47 12.26 4.96
C SER D 21 24.91 12.45 3.50
N ALA D 22 24.75 13.67 2.98
CA ALA D 22 25.14 13.95 1.58
C ALA D 22 25.34 15.42 1.36
N SER D 23 25.98 15.75 0.24
CA SER D 23 26.15 17.14 -0.17
C SER D 23 24.81 17.86 -0.35
N SER D 24 23.81 17.13 -0.85
CA SER D 24 22.48 17.68 -1.06
C SER D 24 21.55 16.52 -1.35
N THR D 25 20.26 16.82 -1.44
CA THR D 25 19.25 15.80 -1.74
C THR D 25 18.15 16.43 -2.59
N TYR D 26 17.44 15.62 -3.39
CA TYR D 26 16.47 16.12 -4.35
C TYR D 26 15.37 16.90 -3.60
N SER D 27 15.00 18.06 -4.15
CA SER D 27 14.08 19.03 -3.50
C SER D 27 12.75 18.46 -2.98
N ASP D 28 12.27 17.36 -3.55
CA ASP D 28 10.96 16.79 -3.14
C ASP D 28 11.04 15.88 -1.89
N GLY D 29 12.24 15.65 -1.36
CA GLY D 29 12.38 14.84 -0.15
C GLY D 29 12.09 13.35 -0.34
N ARG D 30 12.05 12.88 -1.58
CA ARG D 30 11.80 11.45 -1.91
C ARG D 30 13.07 10.65 -2.27
N TRP D 31 14.25 11.27 -2.12
CA TRP D 31 15.52 10.67 -2.51
C TRP D 31 16.60 11.00 -1.47
N THR D 32 16.27 10.76 -0.19
CA THR D 32 17.07 11.22 0.95
C THR D 32 18.31 10.32 1.10
N PRO D 33 19.36 10.81 1.80
CA PRO D 33 20.55 9.94 2.00
C PRO D 33 20.23 8.61 2.69
N GLN D 34 19.23 8.62 3.58
CA GLN D 34 18.82 7.42 4.31
C GLN D 34 18.10 6.38 3.44
N GLN D 35 17.82 6.72 2.19
CA GLN D 35 17.29 5.78 1.22
C GLN D 35 18.36 5.11 0.38
N SER D 36 19.64 5.29 0.73
CA SER D 36 20.76 4.71 -0.03
C SER D 36 21.19 3.31 0.43
N ARG D 37 20.37 2.63 1.23
CA ARG D 37 20.72 1.29 1.71
C ARG D 37 20.55 0.28 0.59
N LEU D 38 21.53 -0.61 0.47
CA LEU D 38 21.49 -1.65 -0.56
C LEU D 38 20.16 -2.41 -0.48
N HIS D 39 19.54 -2.61 -1.65
CA HIS D 39 18.22 -3.26 -1.79
C HIS D 39 17.01 -2.56 -1.15
N GLY D 40 17.15 -1.29 -0.77
CA GLY D 40 16.04 -0.52 -0.24
C GLY D 40 14.97 -0.35 -1.31
N ASP D 41 13.71 -0.44 -0.91
CA ASP D 41 12.63 -0.54 -1.88
C ASP D 41 11.95 0.81 -2.19
N ASP D 42 12.46 1.89 -1.59
CA ASP D 42 11.94 3.21 -1.81
C ASP D 42 13.00 4.13 -2.40
N ASN D 43 13.00 4.22 -3.74
CA ASN D 43 13.94 5.06 -4.48
C ASN D 43 15.41 4.79 -4.03
N GLY D 44 16.21 5.85 -3.87
CA GLY D 44 17.59 5.79 -3.40
C GLY D 44 18.01 7.21 -3.09
N TRP D 45 19.31 7.44 -2.90
CA TRP D 45 19.77 8.78 -2.71
C TRP D 45 19.94 9.40 -4.10
N THR D 46 19.44 10.62 -4.26
CA THR D 46 19.75 11.46 -5.39
C THR D 46 20.02 12.88 -4.88
N PRO D 47 21.04 13.55 -5.43
CA PRO D 47 21.34 14.92 -5.04
C PRO D 47 20.35 15.90 -5.66
N ASN D 48 20.40 17.15 -5.24
CA ASN D 48 19.51 18.16 -5.80
C ASN D 48 19.83 18.50 -7.27
N LEU D 49 21.11 18.35 -7.63
CA LEU D 49 21.56 18.55 -9.00
C LEU D 49 22.46 17.40 -9.40
N ASP D 50 22.43 17.02 -10.68
CA ASP D 50 23.29 15.96 -11.17
C ASP D 50 24.61 16.59 -11.60
N SER D 51 25.63 16.40 -10.77
CA SER D 51 26.97 16.88 -11.08
C SER D 51 27.99 15.98 -10.44
N ASN D 52 29.21 16.04 -10.96
CA ASN D 52 30.31 15.24 -10.40
C ASN D 52 30.88 15.81 -9.10
N LYS D 53 30.25 16.86 -8.56
CA LYS D 53 30.65 17.49 -7.31
C LYS D 53 29.82 17.05 -6.11
N GLU D 54 28.85 16.17 -6.29
CA GLU D 54 27.92 15.77 -5.22
C GLU D 54 28.39 14.46 -4.61
N TYR D 55 28.01 14.20 -3.35
CA TYR D 55 28.41 12.96 -2.71
C TYR D 55 27.47 12.46 -1.66
N LEU D 56 27.56 11.15 -1.45
CA LEU D 56 26.90 10.46 -0.38
C LEU D 56 27.98 10.08 0.61
N GLN D 57 27.75 10.38 1.89
CA GLN D 57 28.74 10.21 2.93
C GLN D 57 28.24 9.26 4.00
N VAL D 58 29.12 8.37 4.46
CA VAL D 58 28.87 7.48 5.59
C VAL D 58 29.94 7.72 6.64
N ASP D 59 29.53 7.96 7.88
CA ASP D 59 30.45 8.05 8.98
C ASP D 59 30.32 6.70 9.68
N LEU D 60 31.37 5.86 9.59
CA LEU D 60 31.39 4.59 10.29
C LEU D 60 31.61 4.73 11.78
N ARG D 61 31.93 5.94 12.27
CA ARG D 61 32.07 6.26 13.72
C ARG D 61 33.39 5.79 14.36
N PHE D 62 33.89 4.63 13.97
CA PHE D 62 35.19 4.12 14.43
C PHE D 62 36.04 3.77 13.22
N LEU D 63 37.37 3.80 13.42
CA LEU D 63 38.33 3.35 12.41
C LEU D 63 37.94 1.95 12.04
N THR D 64 37.83 1.73 10.73
CA THR D 64 37.30 0.50 10.19
C THR D 64 38.17 0.13 8.99
N MET D 65 38.42 -1.17 8.84
CA MET D 65 39.07 -1.70 7.66
CA MET D 65 39.07 -1.68 7.64
C MET D 65 38.02 -1.82 6.54
N LEU D 66 38.17 -1.03 5.49
CA LEU D 66 37.27 -1.06 4.35
C LEU D 66 37.93 -1.89 3.26
N THR D 67 37.22 -2.92 2.75
CA THR D 67 37.73 -3.83 1.70
C THR D 67 36.94 -3.81 0.38
N ALA D 68 35.68 -3.39 0.40
CA ALA D 68 34.89 -3.36 -0.82
C ALA D 68 33.66 -2.46 -0.70
N ILE D 69 33.17 -2.08 -1.87
CA ILE D 69 32.00 -1.23 -2.03
C ILE D 69 31.07 -1.86 -3.08
N ALA D 70 29.78 -1.94 -2.76
CA ALA D 70 28.76 -2.40 -3.69
C ALA D 70 27.75 -1.28 -3.92
N THR D 71 27.35 -1.09 -5.19
CA THR D 71 26.33 -0.10 -5.53
C THR D 71 25.20 -0.62 -6.43
N GLN D 72 24.06 0.03 -6.31
CA GLN D 72 22.97 -0.11 -7.26
C GLN D 72 22.52 1.28 -7.61
N GLY D 73 21.75 1.36 -8.70
CA GLY D 73 20.93 2.51 -9.01
C GLY D 73 19.60 2.40 -8.29
N ALA D 74 18.58 3.02 -8.88
CA ALA D 74 17.22 2.89 -8.38
C ALA D 74 16.16 3.29 -9.43
N ILE D 75 14.99 2.68 -9.29
CA ILE D 75 13.80 2.98 -10.10
C ILE D 75 12.84 3.84 -9.29
N SER D 76 12.43 4.96 -9.86
CA SER D 76 11.53 5.86 -9.19
C SER D 76 10.17 5.19 -8.91
N ARG D 77 9.74 5.25 -7.66
CA ARG D 77 8.37 4.90 -7.30
C ARG D 77 7.31 5.83 -7.93
N GLU D 78 7.71 7.06 -8.25
CA GLU D 78 6.78 8.06 -8.77
C GLU D 78 6.60 7.95 -10.28
N THR D 79 7.69 7.66 -11.01
CA THR D 79 7.69 7.68 -12.49
C THR D 79 8.07 6.37 -13.20
N GLN D 80 8.53 5.37 -12.43
CA GLN D 80 9.12 4.13 -12.99
C GLN D 80 10.36 4.30 -13.91
N ASN D 81 10.95 5.50 -13.93
CA ASN D 81 12.19 5.74 -14.66
C ASN D 81 13.35 5.24 -13.81
N GLY D 82 14.36 4.70 -14.50
CA GLY D 82 15.55 4.14 -13.84
C GLY D 82 16.69 5.15 -13.88
N TYR D 83 17.46 5.20 -12.80
CA TYR D 83 18.63 6.04 -12.72
C TYR D 83 19.78 5.18 -12.15
N TYR D 84 21.00 5.41 -12.64
CA TYR D 84 22.17 4.77 -12.00
C TYR D 84 23.45 5.53 -12.24
N VAL D 85 24.40 5.33 -11.32
CA VAL D 85 25.74 5.85 -11.40
C VAL D 85 26.56 4.79 -12.16
N LYS D 86 27.27 5.22 -13.21
CA LYS D 86 28.12 4.36 -14.04
C LYS D 86 29.59 4.36 -13.56
N SER D 87 30.01 5.44 -12.89
CA SER D 87 31.38 5.51 -12.35
C SER D 87 31.46 6.50 -11.21
N TYR D 88 32.39 6.27 -10.29
CA TYR D 88 32.53 7.14 -9.12
C TYR D 88 33.95 7.17 -8.59
N LYS D 89 34.27 8.25 -7.86
CA LYS D 89 35.48 8.31 -7.03
C LYS D 89 35.08 8.10 -5.57
N LEU D 90 36.07 7.71 -4.77
CA LEU D 90 35.94 7.51 -3.35
C LEU D 90 36.81 8.54 -2.63
N GLU D 91 36.27 9.17 -1.59
CA GLU D 91 37.03 10.07 -0.72
CA GLU D 91 37.03 10.06 -0.70
C GLU D 91 36.92 9.53 0.71
N VAL D 92 38.03 9.57 1.43
CA VAL D 92 38.13 8.96 2.73
C VAL D 92 38.81 9.87 3.75
N SER D 93 38.57 9.57 5.03
CA SER D 93 39.11 10.36 6.11
C SER D 93 39.02 9.58 7.42
N THR D 94 40.03 9.76 8.26
CA THR D 94 40.06 9.19 9.60
C THR D 94 39.40 10.13 10.61
N ASN D 95 39.44 11.44 10.34
CA ASN D 95 38.98 12.46 11.33
C ASN D 95 37.85 13.37 10.82
N GLY D 96 37.41 13.20 9.58
CA GLY D 96 36.35 14.02 9.03
C GLY D 96 36.74 15.43 8.67
N GLU D 97 38.04 15.73 8.72
CA GLU D 97 38.57 17.05 8.35
C GLU D 97 39.62 16.96 7.25
N ASP D 98 40.56 16.04 7.38
CA ASP D 98 41.57 15.80 6.31
C ASP D 98 40.96 14.73 5.38
N TRP D 99 40.60 15.15 4.18
CA TRP D 99 40.00 14.26 3.19
C TRP D 99 41.00 13.99 2.06
N MET D 100 41.05 12.74 1.63
CA MET D 100 41.83 12.35 0.46
C MET D 100 41.01 11.51 -0.51
N VAL D 101 41.19 11.76 -1.80
CA VAL D 101 40.57 10.99 -2.86
C VAL D 101 41.40 9.71 -3.02
N TYR D 102 40.70 8.58 -3.06
CA TYR D 102 41.38 7.28 -3.12
C TYR D 102 42.11 7.10 -4.46
N ARG D 103 43.33 6.62 -4.39
CA ARG D 103 44.17 6.37 -5.56
C ARG D 103 44.56 4.91 -5.56
N HIS D 104 44.57 4.29 -6.74
CA HIS D 104 45.22 2.99 -6.98
C HIS D 104 46.29 3.28 -8.01
N GLY D 105 47.54 3.25 -7.58
CA GLY D 105 48.62 3.72 -8.42
C GLY D 105 48.68 5.23 -8.29
N LYS D 106 49.22 5.87 -9.31
CA LYS D 106 49.48 7.33 -9.31
C LYS D 106 48.20 8.16 -9.27
N ASN D 107 47.19 7.77 -10.06
CA ASN D 107 46.04 8.61 -10.30
C ASN D 107 44.85 8.26 -9.42
N HIS D 108 43.90 9.18 -9.39
CA HIS D 108 42.60 8.88 -8.78
C HIS D 108 42.05 7.56 -9.33
N LYS D 109 41.52 6.74 -8.44
CA LYS D 109 40.80 5.54 -8.84
C LYS D 109 39.38 5.92 -9.26
N VAL D 110 39.04 5.65 -10.50
CA VAL D 110 37.66 5.78 -10.92
C VAL D 110 37.04 4.38 -10.98
N PHE D 111 36.20 4.09 -9.99
CA PHE D 111 35.51 2.83 -9.88
C PHE D 111 34.40 2.77 -10.93
N GLN D 112 34.32 1.64 -11.61
CA GLN D 112 33.27 1.42 -12.61
C GLN D 112 32.11 0.76 -11.88
N ALA D 113 30.92 1.31 -12.05
CA ALA D 113 29.78 0.93 -11.24
C ALA D 113 28.67 0.31 -12.12
N ASN D 114 27.46 0.85 -12.11
CA ASN D 114 26.30 0.13 -12.62
C ASN D 114 26.05 0.35 -14.10
N ASN D 115 25.31 -0.59 -14.68
CA ASN D 115 24.82 -0.51 -16.05
C ASN D 115 23.32 -0.66 -16.14
N ASP D 116 22.64 -0.64 -14.99
CA ASP D 116 21.18 -0.67 -14.92
C ASP D 116 20.76 -0.17 -13.53
N ALA D 117 19.45 -0.12 -13.27
CA ALA D 117 18.94 0.42 -12.02
C ALA D 117 18.78 -0.63 -10.89
N THR D 118 18.96 -1.92 -11.19
CA THR D 118 18.60 -2.99 -10.24
C THR D 118 19.74 -3.87 -9.74
N GLU D 119 20.72 -4.18 -10.58
CA GLU D 119 21.75 -5.15 -10.21
C GLU D 119 22.89 -4.50 -9.40
N VAL D 120 23.51 -5.31 -8.55
CA VAL D 120 24.60 -4.89 -7.68
C VAL D 120 25.92 -5.09 -8.41
N VAL D 121 26.78 -4.09 -8.35
CA VAL D 121 28.17 -4.24 -8.82
C VAL D 121 29.09 -4.00 -7.63
N LEU D 122 30.01 -4.94 -7.44
CA LEU D 122 30.95 -4.97 -6.32
C LEU D 122 32.32 -4.55 -6.80
N ASN D 123 32.94 -3.59 -6.09
CA ASN D 123 34.34 -3.26 -6.31
C ASN D 123 35.13 -3.55 -5.04
N LYS D 124 36.11 -4.44 -5.15
CA LYS D 124 37.01 -4.74 -4.06
C LYS D 124 38.21 -3.81 -4.16
N LEU D 125 38.61 -3.22 -3.04
CA LEU D 125 39.77 -2.35 -3.01
C LEU D 125 41.02 -3.19 -3.17
N HIS D 126 42.02 -2.62 -3.84
CA HIS D 126 43.22 -3.38 -4.15
C HIS D 126 43.97 -3.72 -2.85
N ALA D 127 43.81 -2.90 -1.80
CA ALA D 127 44.18 -3.31 -0.42
C ALA D 127 43.19 -2.74 0.59
N PRO D 128 43.08 -3.36 1.76
CA PRO D 128 42.17 -2.81 2.75
C PRO D 128 42.68 -1.49 3.25
N LEU D 129 41.73 -0.60 3.51
CA LEU D 129 42.03 0.76 3.84
C LEU D 129 41.47 1.03 5.22
N LEU D 130 42.30 1.57 6.10
CA LEU D 130 41.83 1.99 7.42
C LEU D 130 41.21 3.41 7.37
N THR D 131 39.89 3.49 7.54
CA THR D 131 39.17 4.76 7.42
C THR D 131 38.00 4.86 8.41
N ARG D 132 37.57 6.08 8.69
CA ARG D 132 36.36 6.29 9.45
C ARG D 132 35.22 6.73 8.54
N PHE D 133 35.49 7.71 7.68
CA PHE D 133 34.48 8.27 6.79
C PHE D 133 34.70 7.80 5.37
N VAL D 134 33.57 7.65 4.66
CA VAL D 134 33.51 7.24 3.27
C VAL D 134 32.62 8.22 2.52
N ARG D 135 33.09 8.74 1.39
CA ARG D 135 32.25 9.49 0.45
C ARG D 135 32.25 8.83 -0.93
N ILE D 136 31.06 8.61 -1.49
CA ILE D 136 30.92 8.16 -2.86
C ILE D 136 30.56 9.35 -3.70
N ARG D 137 31.37 9.59 -4.74
CA ARG D 137 31.29 10.80 -5.54
CA ARG D 137 31.28 10.79 -5.52
C ARG D 137 31.05 10.43 -7.01
N PRO D 138 29.78 10.37 -7.42
CA PRO D 138 29.51 9.96 -8.81
C PRO D 138 30.21 10.82 -9.89
N GLN D 139 30.76 10.19 -10.90
CA GLN D 139 31.41 10.91 -12.01
C GLN D 139 30.59 10.87 -13.29
N THR D 140 29.93 9.74 -13.56
CA THR D 140 29.09 9.57 -14.74
C THR D 140 27.88 8.77 -14.34
N TRP D 141 26.78 8.90 -15.09
CA TRP D 141 25.50 8.31 -14.68
C TRP D 141 24.59 8.18 -15.90
N HIS D 142 23.61 7.29 -15.82
CA HIS D 142 22.58 7.21 -16.85
C HIS D 142 21.34 7.91 -16.35
N SER D 143 20.87 8.90 -17.11
CA SER D 143 19.67 9.71 -16.85
C SER D 143 19.80 10.68 -15.65
N GLY D 144 20.37 10.18 -14.55
CA GLY D 144 20.60 10.99 -13.36
C GLY D 144 21.25 10.15 -12.27
N ILE D 145 21.77 10.82 -11.25
CA ILE D 145 22.43 10.14 -10.14
C ILE D 145 21.39 9.50 -9.24
N ALA D 146 21.59 8.22 -8.96
CA ALA D 146 20.84 7.56 -7.89
C ALA D 146 21.70 6.44 -7.35
N LEU D 147 21.80 6.32 -6.03
CA LEU D 147 22.64 5.32 -5.39
C LEU D 147 21.96 4.60 -4.26
N ARG D 148 22.13 3.30 -4.28
CA ARG D 148 22.07 2.46 -3.10
C ARG D 148 23.43 1.77 -2.94
N LEU D 149 23.78 1.46 -1.70
CA LEU D 149 25.17 1.19 -1.31
C LEU D 149 25.28 0.14 -0.22
N GLU D 150 26.35 -0.68 -0.30
CA GLU D 150 26.86 -1.41 0.85
C GLU D 150 28.38 -1.25 0.97
N LEU D 151 28.87 -1.27 2.20
CA LEU D 151 30.31 -1.20 2.49
C LEU D 151 30.69 -2.52 3.13
N PHE D 152 31.91 -3.01 2.82
CA PHE D 152 32.38 -4.30 3.31
C PHE D 152 33.75 -4.12 3.94
N GLY D 153 34.00 -4.87 5.00
CA GLY D 153 35.27 -4.87 5.69
C GLY D 153 35.16 -5.47 7.07
N CYS D 154 35.78 -4.82 8.05
CA CYS D 154 35.68 -5.29 9.42
C CYS D 154 36.13 -4.20 10.38
N ARG D 155 35.54 -4.20 11.59
CA ARG D 155 35.84 -3.19 12.60
CA ARG D 155 35.83 -3.20 12.62
C ARG D 155 37.05 -3.65 13.42
N VAL D 156 38.21 -3.11 13.05
CA VAL D 156 39.48 -3.38 13.73
C VAL D 156 40.44 -2.22 13.41
N LYS E 25 12.39 20.57 -9.72
CA LYS E 25 11.08 20.95 -10.33
C LYS E 25 10.40 19.81 -11.11
N PRO E 26 11.07 19.22 -12.12
CA PRO E 26 10.40 18.15 -12.88
C PRO E 26 10.24 16.84 -12.10
N ARG E 27 9.43 15.92 -12.63
CA ARG E 27 9.18 14.63 -12.00
C ARG E 27 10.43 13.76 -12.13
N ARG E 28 10.82 13.13 -11.03
CA ARG E 28 12.01 12.30 -10.98
C ARG E 28 11.60 10.84 -10.95
N LYS F 25 -29.13 -15.14 10.29
CA LYS F 25 -28.16 -15.61 11.33
C LYS F 25 -28.76 -15.51 12.74
N PRO F 26 -28.48 -16.50 13.63
CA PRO F 26 -29.07 -16.50 14.99
C PRO F 26 -28.57 -15.38 15.91
N ARG F 27 -29.14 -15.27 17.11
CA ARG F 27 -28.63 -14.38 18.16
C ARG F 27 -27.94 -15.27 19.20
N ARG F 28 -26.66 -15.02 19.45
CA ARG F 28 -25.86 -15.84 20.37
C ARG F 28 -25.95 -15.35 21.80
N CYS G 21 13.96 8.71 10.06
CA CYS G 21 12.79 8.97 10.96
C CYS G 21 12.24 10.39 10.80
N ARG G 22 12.05 10.79 9.55
CA ARG G 22 11.59 12.13 9.18
C ARG G 22 10.06 12.19 9.10
N CYS G 23 9.52 13.41 9.03
CA CYS G 23 8.10 13.65 8.82
C CYS G 23 7.88 14.17 7.39
N ASP G 24 7.29 13.32 6.55
CA ASP G 24 7.03 13.67 5.15
C ASP G 24 5.67 14.36 5.01
N LYS G 25 5.47 15.00 3.87
CA LYS G 25 4.14 15.36 3.39
C LYS G 25 3.68 14.11 2.64
N PRO G 26 2.55 13.50 3.06
CA PRO G 26 2.23 12.15 2.56
C PRO G 26 2.17 12.05 1.03
N ARG G 27 2.54 10.88 0.50
CA ARG G 27 2.48 10.63 -0.93
C ARG G 27 1.02 10.62 -1.34
N ARG G 28 0.64 11.52 -2.24
CA ARG G 28 -0.74 11.61 -2.72
C ARG G 28 -0.94 10.70 -3.93
C1 DIO H . 8.09 -30.11 -26.83
C2 DIO H . 8.62 -31.45 -28.71
C1' DIO H . 8.27 -28.86 -27.69
C2' DIO H . 8.61 -30.23 -29.63
O1 DIO H . 7.68 -31.21 -27.65
O1' DIO H . 9.07 -29.11 -28.86
C1 GOL I . 2.38 -35.83 -17.02
O1 GOL I . 1.13 -36.21 -17.58
C2 GOL I . 2.31 -35.86 -15.50
O2 GOL I . 2.23 -37.22 -15.08
C3 GOL I . 3.54 -35.21 -14.85
O3 GOL I . 3.14 -34.08 -14.05
C1 DIO J . 44.67 7.79 0.30
C2 DIO J . 44.95 5.43 0.23
C1' DIO J . 45.04 7.89 -1.18
C2' DIO J . 45.24 5.52 -1.27
O1 DIO J . 45.35 6.66 0.86
O1' DIO J . 44.64 6.69 -1.83
#